data_3Q41
#
_entry.id   3Q41
#
_cell.length_a   164.679
_cell.length_b   164.679
_cell.length_c   147.258
_cell.angle_alpha   90.00
_cell.angle_beta   90.00
_cell.angle_gamma   120.00
#
_symmetry.space_group_name_H-M   'P 31 2 1'
#
loop_
_entity.id
_entity.type
_entity.pdbx_description
1 polymer 'Glutamate [NMDA] receptor subunit zeta-1'
2 non-polymer 2-acetamido-2-deoxy-beta-D-glucopyranose
3 non-polymer 'CHLORIDE ION'
4 water water
#
_entity_poly.entity_id   1
_entity_poly.type   'polypeptide(L)'
_entity_poly.pdbx_seq_one_letter_code
;ACDPKIVNIGAVLSTRKHEQMFREAVNQANKRHGSWKIQLNATSVTHKPNAIQMALSVCEDLISSQVYAILVSHPPTPND
HFTPTPVSYTAGFYRIPVLGLTTRMSIYSDKSIHLSFLRTVPPYSHQSSVWFEMMRVYNWNHIILLVSDDHEGRAAQKRL
ETLLEERESKAEKVLQFDPGTKNVTALLMEARELEARVIILSASEDDAATVYRAAAMLNMTGSGYVWLVGEREISGNALR
YAPDGIIGLQLINGKNESAHISDAVGVVAQAVHELLEKENITDPPRGCVGNTNIWKTGPLFKRVLMSSKYADGVTGRVEF
NEDGDRKFANYSIMNLQNRKLVQVGIYNGTHVIPNDRKIIWPGGETEKPRGYQVDGGGGGLVPR
;
_entity_poly.pdbx_strand_id   A,B,C
#
loop_
_chem_comp.id
_chem_comp.type
_chem_comp.name
_chem_comp.formula
CL non-polymer 'CHLORIDE ION' 'Cl -1'
NAG D-saccharide, beta linking 2-acetamido-2-deoxy-beta-D-glucopyranose 'C8 H15 N O6'
#
# COMPACT_ATOMS: atom_id res chain seq x y z
N PRO A 4 42.39 -15.65 1.11
CA PRO A 4 41.27 -14.69 1.15
C PRO A 4 39.95 -15.31 0.70
N LYS A 5 39.53 -15.06 -0.55
CA LYS A 5 38.36 -15.70 -1.22
C LYS A 5 36.96 -15.30 -0.74
N ILE A 6 36.37 -14.33 -1.44
CA ILE A 6 35.09 -13.74 -1.07
C ILE A 6 33.92 -14.39 -1.81
N VAL A 7 32.88 -14.74 -1.07
CA VAL A 7 31.64 -15.30 -1.62
C VAL A 7 30.50 -14.33 -1.31
N ASN A 8 29.80 -13.86 -2.35
CA ASN A 8 28.72 -12.89 -2.18
C ASN A 8 27.32 -13.48 -2.01
N ILE A 9 26.52 -12.88 -1.14
CA ILE A 9 25.13 -13.28 -0.94
C ILE A 9 24.24 -12.04 -0.99
N GLY A 10 23.27 -12.06 -1.89
CA GLY A 10 22.32 -10.97 -2.04
C GLY A 10 21.09 -11.14 -1.18
N ALA A 11 20.38 -10.04 -0.94
CA ALA A 11 19.13 -10.04 -0.19
C ALA A 11 18.27 -8.83 -0.53
N VAL A 12 16.98 -9.04 -0.74
CA VAL A 12 16.02 -7.94 -0.74
C VAL A 12 15.18 -8.03 0.54
N LEU A 13 15.26 -6.99 1.38
CA LEU A 13 14.67 -7.02 2.71
C LEU A 13 13.76 -5.80 2.96
N SER A 14 13.00 -5.85 4.05
CA SER A 14 11.97 -4.85 4.33
C SER A 14 12.48 -3.44 4.64
N THR A 15 13.49 -3.33 5.50
CA THR A 15 13.96 -2.04 5.98
C THR A 15 15.50 -1.90 6.01
N ARG A 16 15.96 -0.68 6.25
CA ARG A 16 17.39 -0.40 6.39
C ARG A 16 17.99 -1.11 7.61
N LYS A 17 17.20 -1.27 8.66
CA LYS A 17 17.65 -1.95 9.87
C LYS A 17 17.54 -3.47 9.77
N HIS A 18 16.76 -3.94 8.80
CA HIS A 18 16.74 -5.37 8.46
C HIS A 18 17.91 -5.72 7.57
N GLU A 19 18.38 -4.73 6.80
CA GLU A 19 19.56 -4.88 5.95
C GLU A 19 20.81 -5.14 6.78
N GLN A 20 20.94 -4.40 7.87
CA GLN A 20 22.05 -4.54 8.80
C GLN A 20 21.90 -5.82 9.60
N MET A 21 20.66 -6.15 9.93
CA MET A 21 20.32 -7.40 10.57
C MET A 21 20.87 -8.56 9.73
N PHE A 22 20.78 -8.42 8.42
CA PHE A 22 21.30 -9.40 7.47
C PHE A 22 22.81 -9.42 7.45
N ARG A 23 23.43 -8.23 7.47
CA ARG A 23 24.87 -8.09 7.41
C ARG A 23 25.55 -8.69 8.65
N GLU A 24 24.92 -8.51 9.81
CA GLU A 24 25.41 -9.09 11.05
C GLU A 24 25.31 -10.60 11.05
N ALA A 25 24.22 -11.11 10.50
CA ALA A 25 23.99 -12.55 10.41
C ALA A 25 25.01 -13.22 9.48
N VAL A 26 25.50 -12.48 8.48
CA VAL A 26 26.54 -12.98 7.58
C VAL A 26 27.87 -13.00 8.31
N ASN A 27 28.14 -11.93 9.06
CA ASN A 27 29.35 -11.80 9.85
C ASN A 27 29.44 -12.86 10.95
N GLN A 28 28.28 -13.20 11.52
CA GLN A 28 28.14 -14.23 12.55
C GLN A 28 28.31 -15.64 11.96
N ALA A 29 27.86 -15.83 10.72
CA ALA A 29 27.98 -17.11 10.03
C ALA A 29 29.43 -17.40 9.68
N ASN A 30 30.23 -16.35 9.49
CA ASN A 30 31.66 -16.51 9.24
C ASN A 30 32.42 -16.90 10.50
N LYS A 31 32.08 -16.25 11.61
CA LYS A 31 32.71 -16.46 12.92
C LYS A 31 32.34 -17.83 13.50
N ARG A 32 31.41 -18.51 12.84
CA ARG A 32 30.94 -19.82 13.26
C ARG A 32 31.49 -20.92 12.36
N HIS A 33 31.65 -20.57 11.08
CA HIS A 33 32.19 -21.49 10.09
C HIS A 33 33.71 -21.37 10.00
N GLY A 34 34.29 -22.19 9.13
CA GLY A 34 35.73 -22.18 8.84
C GLY A 34 36.31 -20.80 8.63
N SER A 35 36.04 -20.24 7.45
CA SER A 35 36.40 -18.87 7.10
C SER A 35 37.90 -18.67 6.85
N TRP A 36 38.64 -19.77 6.84
CA TRP A 36 40.05 -19.72 6.47
C TRP A 36 40.19 -19.81 4.95
N LYS A 37 39.34 -20.63 4.32
CA LYS A 37 39.38 -20.83 2.88
C LYS A 37 38.48 -19.80 2.19
N ILE A 38 37.22 -19.72 2.63
CA ILE A 38 36.22 -18.83 2.03
C ILE A 38 35.56 -17.91 3.05
N GLN A 39 35.40 -16.63 2.69
CA GLN A 39 34.79 -15.66 3.58
C GLN A 39 33.51 -15.05 2.99
N LEU A 40 32.40 -15.22 3.70
CA LEU A 40 31.09 -14.78 3.24
C LEU A 40 30.91 -13.27 3.32
N ASN A 41 30.23 -12.73 2.32
CA ASN A 41 30.04 -11.29 2.17
C ASN A 41 28.57 -10.95 1.96
N ALA A 42 28.19 -9.72 2.29
CA ALA A 42 26.78 -9.33 2.29
C ALA A 42 26.51 -8.07 1.46
N THR A 43 25.89 -8.26 0.29
CA THR A 43 25.36 -7.14 -0.50
C THR A 43 23.84 -7.23 -0.54
N SER A 44 23.17 -6.12 -0.26
CA SER A 44 21.72 -6.14 -0.16
C SER A 44 21.08 -4.85 -0.61
N VAL A 45 19.82 -4.95 -1.03
CA VAL A 45 19.02 -3.79 -1.35
C VAL A 45 17.71 -3.88 -0.59
N THR A 46 17.04 -2.75 -0.44
CA THR A 46 15.71 -2.68 0.17
C THR A 46 14.67 -3.22 -0.82
N HIS A 47 13.48 -3.56 -0.34
CA HIS A 47 12.42 -4.09 -1.24
C HIS A 47 11.75 -2.97 -2.04
N LYS A 48 11.21 -3.34 -3.20
CA LYS A 48 10.52 -2.41 -4.09
C LYS A 48 9.12 -2.93 -4.43
N PRO A 49 8.07 -2.19 -4.02
CA PRO A 49 6.70 -2.51 -4.40
C PRO A 49 6.54 -2.70 -5.92
N ASN A 50 6.79 -1.63 -6.68
CA ASN A 50 6.71 -1.66 -8.14
C ASN A 50 7.60 -2.73 -8.76
N ALA A 51 6.97 -3.69 -9.43
CA ALA A 51 7.66 -4.89 -9.91
C ALA A 51 8.66 -4.64 -11.04
N ILE A 52 8.52 -3.51 -11.74
CA ILE A 52 9.51 -3.13 -12.75
C ILE A 52 10.79 -2.71 -12.04
N GLN A 53 10.65 -1.88 -11.01
CA GLN A 53 11.79 -1.33 -10.29
C GLN A 53 12.49 -2.37 -9.45
N MET A 54 11.76 -3.42 -9.06
CA MET A 54 12.33 -4.52 -8.28
C MET A 54 13.21 -5.42 -9.16
N ALA A 55 12.72 -5.77 -10.35
CA ALA A 55 13.50 -6.56 -11.30
C ALA A 55 14.79 -5.85 -11.67
N LEU A 56 14.70 -4.55 -11.91
CA LEU A 56 15.85 -3.74 -12.27
C LEU A 56 16.86 -3.66 -11.15
N SER A 57 16.38 -3.59 -9.90
CA SER A 57 17.27 -3.51 -8.75
C SER A 57 18.03 -4.81 -8.54
N VAL A 58 17.38 -5.94 -8.79
CA VAL A 58 18.00 -7.26 -8.69
C VAL A 58 19.15 -7.38 -9.68
N CYS A 59 19.03 -6.75 -10.84
CA CYS A 59 20.11 -6.74 -11.81
C CYS A 59 21.21 -5.75 -11.47
N GLU A 60 20.87 -4.48 -11.38
CA GLU A 60 21.84 -3.40 -11.18
C GLU A 60 22.59 -3.49 -9.86
N ASP A 61 21.92 -3.95 -8.81
CA ASP A 61 22.51 -3.98 -7.46
C ASP A 61 22.99 -5.36 -7.00
N LEU A 62 22.22 -6.40 -7.31
CA LEU A 62 22.52 -7.73 -6.78
C LEU A 62 23.32 -8.60 -7.75
N ILE A 63 22.70 -9.03 -8.84
CA ILE A 63 23.38 -9.89 -9.84
C ILE A 63 24.68 -9.25 -10.33
N SER A 64 24.70 -7.92 -10.40
CA SER A 64 25.88 -7.14 -10.77
C SER A 64 27.04 -7.29 -9.81
N SER A 65 26.74 -7.69 -8.57
CA SER A 65 27.76 -7.84 -7.54
C SER A 65 28.19 -9.30 -7.36
N GLN A 66 28.05 -10.09 -8.42
CA GLN A 66 28.42 -11.51 -8.45
C GLN A 66 27.87 -12.26 -7.23
N VAL A 67 26.58 -12.57 -7.29
CA VAL A 67 25.86 -13.12 -6.15
C VAL A 67 25.55 -14.61 -6.35
N TYR A 68 25.69 -15.37 -5.26
CA TYR A 68 25.44 -16.81 -5.26
C TYR A 68 23.98 -17.17 -5.00
N ALA A 69 23.30 -16.38 -4.19
CA ALA A 69 21.88 -16.60 -3.88
C ALA A 69 21.26 -15.34 -3.31
N ILE A 70 20.00 -15.10 -3.65
CA ILE A 70 19.32 -13.90 -3.19
C ILE A 70 18.19 -14.22 -2.20
N LEU A 71 18.26 -13.57 -1.04
CA LEU A 71 17.19 -13.66 -0.06
C LEU A 71 16.10 -12.63 -0.38
N VAL A 72 14.84 -13.05 -0.28
CA VAL A 72 13.73 -12.16 -0.53
C VAL A 72 12.83 -12.06 0.69
N SER A 73 12.78 -10.86 1.25
CA SER A 73 11.83 -10.54 2.29
C SER A 73 11.08 -9.27 1.89
N HIS A 74 10.05 -8.95 2.67
CA HIS A 74 9.20 -7.79 2.44
C HIS A 74 8.19 -7.72 3.56
N PRO A 75 7.56 -6.55 3.76
CA PRO A 75 6.43 -6.44 4.67
C PRO A 75 5.48 -7.60 4.47
N PRO A 76 4.88 -8.11 5.55
CA PRO A 76 4.04 -9.29 5.38
C PRO A 76 2.58 -8.92 5.14
N THR A 77 2.37 -7.83 4.40
CA THR A 77 1.01 -7.37 4.06
C THR A 77 0.44 -8.26 2.96
N PRO A 78 -0.90 -8.33 2.86
CA PRO A 78 -1.51 -9.05 1.74
C PRO A 78 -1.35 -8.31 0.41
N ASN A 79 -0.64 -7.19 0.44
CA ASN A 79 -0.38 -6.39 -0.75
C ASN A 79 1.03 -6.64 -1.31
N ASP A 80 1.91 -7.18 -0.46
CA ASP A 80 3.30 -7.47 -0.84
C ASP A 80 3.56 -8.95 -1.14
N HIS A 81 2.62 -9.83 -0.87
CA HIS A 81 2.88 -11.27 -0.98
C HIS A 81 3.39 -11.75 -2.35
N PHE A 82 3.29 -10.92 -3.38
CA PHE A 82 3.78 -11.29 -4.72
C PHE A 82 5.14 -10.68 -5.13
N THR A 83 5.72 -9.86 -4.25
CA THR A 83 6.99 -9.16 -4.51
C THR A 83 8.14 -10.07 -4.97
N PRO A 84 8.15 -11.35 -4.54
CA PRO A 84 9.26 -12.19 -5.02
C PRO A 84 9.19 -12.65 -6.49
N THR A 85 8.02 -12.56 -7.15
CA THR A 85 7.91 -12.99 -8.56
C THR A 85 8.96 -12.33 -9.48
N PRO A 86 9.13 -10.99 -9.42
CA PRO A 86 10.18 -10.41 -10.26
C PRO A 86 11.60 -10.84 -9.87
N VAL A 87 11.82 -11.09 -8.58
CA VAL A 87 13.11 -11.58 -8.13
C VAL A 87 13.34 -13.02 -8.64
N SER A 88 12.32 -13.87 -8.46
CA SER A 88 12.43 -15.26 -8.87
C SER A 88 12.60 -15.43 -10.38
N TYR A 89 11.88 -14.60 -11.15
CA TYR A 89 12.01 -14.63 -12.60
C TYR A 89 13.36 -14.10 -13.06
N THR A 90 13.78 -12.96 -12.51
CA THR A 90 15.02 -12.28 -12.93
C THR A 90 16.27 -13.08 -12.61
N ALA A 91 16.31 -13.67 -11.41
CA ALA A 91 17.45 -14.48 -10.98
C ALA A 91 17.32 -15.91 -11.48
N GLY A 92 16.08 -16.36 -11.73
CA GLY A 92 15.85 -17.66 -12.34
C GLY A 92 16.38 -17.70 -13.76
N PHE A 93 16.41 -16.53 -14.39
CA PHE A 93 16.94 -16.37 -15.75
C PHE A 93 18.40 -16.84 -15.86
N TYR A 94 19.13 -16.81 -14.75
CA TYR A 94 20.52 -17.28 -14.70
C TYR A 94 20.71 -18.52 -13.81
N ARG A 95 19.60 -19.02 -13.27
CA ARG A 95 19.58 -20.16 -12.32
C ARG A 95 20.19 -19.85 -10.96
N ILE A 96 20.32 -18.57 -10.62
CA ILE A 96 20.66 -18.12 -9.27
C ILE A 96 19.49 -18.46 -8.34
N PRO A 97 19.75 -19.12 -7.20
CA PRO A 97 18.70 -19.49 -6.28
C PRO A 97 18.16 -18.32 -5.45
N VAL A 98 16.84 -18.16 -5.47
CA VAL A 98 16.17 -17.13 -4.68
C VAL A 98 15.57 -17.80 -3.44
N LEU A 99 15.88 -17.24 -2.28
CA LEU A 99 15.43 -17.77 -1.01
C LEU A 99 14.33 -16.87 -0.44
N GLY A 100 13.12 -17.40 -0.35
CA GLY A 100 11.98 -16.65 0.17
C GLY A 100 11.89 -16.73 1.69
N LEU A 101 11.60 -15.60 2.31
CA LEU A 101 11.56 -15.51 3.77
C LEU A 101 10.15 -15.28 4.33
N THR A 102 9.31 -14.58 3.57
CA THR A 102 8.03 -14.16 4.15
C THR A 102 6.77 -14.51 3.36
N THR A 103 6.86 -14.61 2.04
CA THR A 103 5.66 -14.93 1.22
C THR A 103 5.17 -16.36 1.39
N ARG A 104 3.85 -16.52 1.44
CA ARG A 104 3.29 -17.86 1.55
C ARG A 104 2.34 -18.23 0.39
N MET A 105 2.36 -17.43 -0.67
CA MET A 105 1.56 -17.73 -1.86
C MET A 105 2.01 -19.03 -2.49
N SER A 106 1.03 -19.88 -2.83
CA SER A 106 1.30 -21.26 -3.28
C SER A 106 1.84 -21.38 -4.70
N ILE A 107 1.68 -20.32 -5.49
CA ILE A 107 2.14 -20.31 -6.88
C ILE A 107 3.65 -20.59 -7.01
N TYR A 108 4.41 -20.25 -5.98
CA TYR A 108 5.86 -20.41 -6.02
C TYR A 108 6.28 -21.86 -5.89
N SER A 109 5.42 -22.65 -5.26
CA SER A 109 5.68 -24.07 -5.05
C SER A 109 5.44 -24.89 -6.31
N ASP A 110 4.91 -24.24 -7.33
CA ASP A 110 4.47 -24.92 -8.54
C ASP A 110 5.58 -25.67 -9.26
N LYS A 111 5.18 -26.78 -9.88
CA LYS A 111 6.00 -27.47 -10.83
C LYS A 111 6.08 -26.59 -12.07
N SER A 112 7.24 -25.95 -12.24
CA SER A 112 7.67 -25.39 -13.53
C SER A 112 7.55 -23.89 -13.74
N ILE A 113 7.00 -23.16 -12.79
CA ILE A 113 6.97 -21.72 -12.96
C ILE A 113 8.11 -21.02 -12.20
N HIS A 114 8.39 -21.44 -10.97
CA HIS A 114 9.50 -20.86 -10.23
C HIS A 114 10.47 -21.97 -9.85
N LEU A 115 11.43 -22.22 -10.73
CA LEU A 115 12.33 -23.34 -10.57
C LEU A 115 13.66 -22.96 -9.92
N SER A 116 13.83 -21.68 -9.61
CA SER A 116 14.99 -21.23 -8.85
C SER A 116 14.60 -20.71 -7.47
N PHE A 117 13.40 -21.08 -7.02
CA PHE A 117 12.85 -20.50 -5.80
C PHE A 117 12.89 -21.43 -4.60
N LEU A 118 13.40 -20.89 -3.49
CA LEU A 118 13.35 -21.54 -2.18
C LEU A 118 12.57 -20.70 -1.17
N ARG A 119 12.10 -21.32 -0.09
CA ARG A 119 11.52 -20.57 1.05
C ARG A 119 11.59 -21.24 2.41
N THR A 120 11.94 -20.44 3.42
CA THR A 120 12.05 -20.91 4.81
C THR A 120 10.70 -20.82 5.53
N VAL A 121 9.63 -20.93 4.76
CA VAL A 121 8.27 -20.74 5.24
C VAL A 121 7.34 -21.47 4.27
N PRO A 122 6.40 -22.29 4.78
CA PRO A 122 5.55 -23.12 3.93
C PRO A 122 4.42 -22.32 3.28
N PRO A 123 3.86 -22.82 2.14
CA PRO A 123 2.78 -22.10 1.51
C PRO A 123 1.46 -22.28 2.25
N TYR A 124 0.47 -21.45 1.90
CA TYR A 124 -0.83 -21.52 2.54
C TYR A 124 -1.53 -22.82 2.25
N SER A 125 -1.23 -23.41 1.08
CA SER A 125 -1.89 -24.65 0.67
C SER A 125 -1.56 -25.82 1.60
N HIS A 126 -0.44 -25.71 2.29
CA HIS A 126 0.03 -26.74 3.21
C HIS A 126 -0.77 -26.80 4.49
N GLN A 127 -1.49 -25.72 4.78
CA GLN A 127 -2.44 -25.68 5.90
C GLN A 127 -3.46 -26.82 5.84
N SER A 128 -3.66 -27.38 4.64
CA SER A 128 -4.54 -28.54 4.48
C SER A 128 -3.99 -29.79 5.20
N SER A 129 -2.68 -29.86 5.37
CA SER A 129 -2.06 -30.88 6.22
C SER A 129 -2.55 -30.74 7.65
N VAL A 130 -2.72 -29.51 8.10
CA VAL A 130 -3.18 -29.25 9.46
C VAL A 130 -4.68 -29.58 9.60
N TRP A 131 -5.49 -29.19 8.61
CA TRP A 131 -6.94 -29.43 8.64
C TRP A 131 -7.26 -30.91 8.63
N PHE A 132 -6.48 -31.68 7.86
CA PHE A 132 -6.60 -33.13 7.78
C PHE A 132 -6.41 -33.76 9.16
N GLU A 133 -5.44 -33.26 9.91
CA GLU A 133 -5.21 -33.71 11.28
C GLU A 133 -6.30 -33.21 12.22
N MET A 134 -6.80 -32.00 11.97
CA MET A 134 -7.92 -31.45 12.74
C MET A 134 -9.13 -32.35 12.65
N MET A 135 -9.31 -32.99 11.49
CA MET A 135 -10.41 -33.91 11.25
C MET A 135 -10.14 -35.28 11.86
N ARG A 136 -8.86 -35.57 12.09
CA ARG A 136 -8.44 -36.82 12.69
C ARG A 136 -8.78 -36.80 14.18
N VAL A 137 -8.28 -35.78 14.88
CA VAL A 137 -8.80 -35.41 16.20
C VAL A 137 -10.19 -34.82 15.93
N TYR A 138 -10.94 -34.44 16.97
CA TYR A 138 -12.22 -33.73 16.78
C TYR A 138 -13.21 -34.38 15.77
N ASN A 139 -12.90 -35.62 15.37
CA ASN A 139 -13.60 -36.37 14.30
C ASN A 139 -14.61 -35.63 13.43
N TRP A 140 -14.13 -34.79 12.52
CA TRP A 140 -14.96 -34.29 11.43
C TRP A 140 -14.78 -35.22 10.24
N ASN A 141 -15.88 -35.75 9.73
CA ASN A 141 -15.81 -36.64 8.57
C ASN A 141 -16.75 -36.21 7.46
N HIS A 142 -17.43 -35.08 7.68
CA HIS A 142 -18.37 -34.53 6.71
C HIS A 142 -18.15 -33.03 6.61
N ILE A 143 -17.56 -32.59 5.50
CA ILE A 143 -17.17 -31.18 5.31
C ILE A 143 -17.66 -30.54 4.00
N ILE A 144 -18.06 -29.27 4.10
CA ILE A 144 -18.20 -28.42 2.92
C ILE A 144 -16.92 -27.59 2.84
N LEU A 145 -16.32 -27.58 1.66
CA LEU A 145 -15.05 -26.91 1.44
C LEU A 145 -15.23 -25.84 0.37
N LEU A 146 -15.27 -24.57 0.78
CA LEU A 146 -15.30 -23.50 -0.22
C LEU A 146 -13.97 -22.79 -0.33
N VAL A 147 -13.49 -22.72 -1.57
CA VAL A 147 -12.19 -22.18 -1.90
C VAL A 147 -12.35 -21.12 -2.98
N SER A 148 -11.49 -20.11 -2.97
CA SER A 148 -11.51 -19.10 -4.03
C SER A 148 -11.11 -19.77 -5.34
N ASP A 149 -11.81 -19.45 -6.42
CA ASP A 149 -11.52 -20.07 -7.71
C ASP A 149 -10.34 -19.42 -8.42
N ASP A 150 -9.23 -19.25 -7.70
CA ASP A 150 -7.95 -18.85 -8.29
C ASP A 150 -6.94 -19.95 -8.02
N HIS A 151 -5.67 -19.72 -8.37
CA HIS A 151 -4.63 -20.73 -8.16
C HIS A 151 -4.46 -21.10 -6.69
N GLU A 152 -4.57 -20.08 -5.82
CA GLU A 152 -4.39 -20.25 -4.38
C GLU A 152 -5.45 -21.11 -3.72
N GLY A 153 -6.71 -20.77 -3.94
CA GLY A 153 -7.82 -21.57 -3.43
C GLY A 153 -7.83 -23.00 -3.95
N ARG A 154 -7.57 -23.15 -5.24
CA ARG A 154 -7.52 -24.46 -5.88
C ARG A 154 -6.37 -25.32 -5.36
N ALA A 155 -5.26 -24.69 -5.03
CA ALA A 155 -4.08 -25.38 -4.47
C ALA A 155 -4.39 -26.00 -3.12
N ALA A 156 -5.23 -25.32 -2.35
CA ALA A 156 -5.63 -25.78 -1.03
C ALA A 156 -6.64 -26.92 -1.11
N GLN A 157 -7.51 -26.88 -2.13
CA GLN A 157 -8.48 -27.95 -2.31
C GLN A 157 -7.85 -29.20 -2.91
N LYS A 158 -6.89 -29.02 -3.82
CA LYS A 158 -6.21 -30.17 -4.42
C LYS A 158 -5.40 -30.96 -3.40
N ARG A 159 -4.78 -30.26 -2.46
CA ARG A 159 -3.96 -30.93 -1.44
C ARG A 159 -4.80 -31.62 -0.36
N LEU A 160 -5.89 -30.99 0.06
CA LEU A 160 -6.79 -31.61 1.03
C LEU A 160 -7.51 -32.81 0.43
N GLU A 161 -7.90 -32.70 -0.83
CA GLU A 161 -8.58 -33.81 -1.51
C GLU A 161 -7.67 -35.01 -1.73
N THR A 162 -6.40 -34.75 -2.02
CA THR A 162 -5.37 -35.81 -2.10
C THR A 162 -5.30 -36.55 -0.77
N LEU A 163 -5.13 -35.80 0.32
CA LEU A 163 -5.06 -36.39 1.67
C LEU A 163 -6.34 -37.15 2.04
N LEU A 164 -7.49 -36.66 1.62
CA LEU A 164 -8.76 -37.33 1.88
C LEU A 164 -8.95 -38.57 0.98
N GLU A 165 -8.31 -38.57 -0.19
CA GLU A 165 -8.43 -39.67 -1.14
C GLU A 165 -7.86 -40.98 -0.59
N GLU A 166 -6.63 -40.93 -0.07
CA GLU A 166 -5.95 -42.10 0.51
C GLU A 166 -6.58 -42.52 1.85
N ARG A 167 -7.75 -41.96 2.14
CA ARG A 167 -8.55 -42.30 3.30
C ARG A 167 -9.99 -42.48 2.81
N GLU A 168 -10.81 -43.24 3.54
CA GLU A 168 -12.20 -43.45 3.12
C GLU A 168 -13.03 -42.17 3.42
N SER A 169 -12.91 -41.22 2.50
CA SER A 169 -13.52 -39.89 2.62
C SER A 169 -13.26 -39.05 1.38
N LYS A 170 -14.11 -38.05 1.17
CA LYS A 170 -13.82 -36.90 0.34
C LYS A 170 -14.61 -35.73 0.93
N ALA A 171 -14.44 -34.54 0.36
CA ALA A 171 -15.29 -33.42 0.71
C ALA A 171 -16.71 -33.80 0.36
N GLU A 172 -17.63 -33.55 1.28
CA GLU A 172 -19.05 -33.82 1.05
C GLU A 172 -19.54 -33.03 -0.17
N LYS A 173 -18.90 -31.90 -0.44
CA LYS A 173 -19.15 -31.05 -1.61
C LYS A 173 -18.11 -29.92 -1.63
N VAL A 174 -17.64 -29.55 -2.83
CA VAL A 174 -16.69 -28.45 -2.99
C VAL A 174 -17.29 -27.26 -3.77
N LEU A 175 -17.16 -26.07 -3.20
CA LEU A 175 -17.74 -24.85 -3.76
C LEU A 175 -16.65 -23.82 -4.03
N GLN A 176 -16.72 -23.15 -5.17
CA GLN A 176 -15.74 -22.11 -5.48
C GLN A 176 -16.37 -20.82 -5.97
N PHE A 177 -15.85 -19.71 -5.45
CA PHE A 177 -16.36 -18.38 -5.76
C PHE A 177 -15.35 -17.57 -6.56
N ASP A 178 -15.83 -16.55 -7.27
CA ASP A 178 -14.96 -15.69 -8.07
C ASP A 178 -14.14 -14.74 -7.17
N PRO A 179 -12.80 -14.86 -7.23
CA PRO A 179 -11.96 -14.06 -6.35
C PRO A 179 -12.38 -12.60 -6.42
N GLY A 180 -12.74 -12.03 -5.28
CA GLY A 180 -13.05 -10.62 -5.18
C GLY A 180 -14.49 -10.26 -5.47
N THR A 181 -15.36 -11.26 -5.47
CA THR A 181 -16.80 -11.01 -5.60
C THR A 181 -17.36 -10.38 -4.33
N LYS A 182 -18.48 -9.68 -4.46
CA LYS A 182 -19.15 -9.08 -3.30
C LYS A 182 -20.51 -9.73 -3.08
N ASN A 183 -20.87 -10.65 -3.96
CA ASN A 183 -22.07 -11.45 -3.83
C ASN A 183 -21.75 -12.92 -3.76
N VAL A 184 -21.97 -13.49 -2.57
CA VAL A 184 -21.73 -14.90 -2.30
C VAL A 184 -23.02 -15.56 -1.80
N THR A 185 -23.99 -14.71 -1.43
CA THR A 185 -25.32 -15.12 -0.97
C THR A 185 -25.88 -16.39 -1.64
N ALA A 186 -25.71 -16.49 -2.95
CA ALA A 186 -26.24 -17.61 -3.71
C ALA A 186 -25.54 -18.93 -3.38
N LEU A 187 -24.22 -18.90 -3.33
CA LEU A 187 -23.41 -20.09 -3.08
C LEU A 187 -23.71 -20.64 -1.69
N LEU A 188 -23.65 -19.78 -0.68
CA LEU A 188 -23.94 -20.15 0.70
C LEU A 188 -25.37 -20.69 0.92
N MET A 189 -26.29 -20.38 0.01
CA MET A 189 -27.66 -20.87 0.09
C MET A 189 -27.73 -22.37 -0.15
N GLU A 190 -26.99 -22.84 -1.16
CA GLU A 190 -26.96 -24.26 -1.50
C GLU A 190 -26.00 -25.03 -0.58
N ALA A 191 -25.22 -24.28 0.19
CA ALA A 191 -24.35 -24.86 1.22
C ALA A 191 -25.13 -25.14 2.49
N ARG A 192 -26.08 -24.27 2.82
CA ARG A 192 -26.85 -24.36 4.06
C ARG A 192 -27.82 -25.54 4.06
N GLU A 193 -28.28 -25.94 2.88
CA GLU A 193 -29.24 -27.04 2.75
C GLU A 193 -28.56 -28.41 2.72
N LEU A 194 -27.23 -28.43 2.79
CA LEU A 194 -26.45 -29.67 2.81
C LEU A 194 -26.41 -30.37 4.18
N GLU A 195 -25.96 -31.63 4.15
CA GLU A 195 -25.89 -32.48 5.34
C GLU A 195 -24.74 -32.09 6.28
N ALA A 196 -23.58 -31.79 5.71
CA ALA A 196 -22.37 -31.46 6.46
C ALA A 196 -22.47 -30.08 7.09
N ARG A 197 -21.88 -29.92 8.27
CA ARG A 197 -22.03 -28.68 9.02
C ARG A 197 -20.70 -28.08 9.48
N VAL A 198 -19.58 -28.71 9.11
CA VAL A 198 -18.24 -28.11 9.30
C VAL A 198 -17.72 -27.56 7.97
N ILE A 199 -17.42 -26.26 7.96
CA ILE A 199 -17.07 -25.55 6.74
C ILE A 199 -15.61 -25.13 6.72
N ILE A 200 -14.87 -25.60 5.71
CA ILE A 200 -13.46 -25.24 5.51
C ILE A 200 -13.32 -24.20 4.40
N LEU A 201 -12.74 -23.05 4.75
CA LEU A 201 -12.65 -21.92 3.84
C LEU A 201 -11.21 -21.62 3.47
N SER A 202 -10.98 -21.38 2.18
CA SER A 202 -9.68 -20.93 1.70
C SER A 202 -9.88 -19.69 0.83
N ALA A 203 -9.75 -18.52 1.44
CA ALA A 203 -10.06 -17.27 0.78
C ALA A 203 -9.02 -16.21 1.11
N SER A 204 -8.95 -15.18 0.27
CA SER A 204 -8.11 -14.02 0.55
C SER A 204 -8.73 -13.34 1.76
N GLU A 205 -7.99 -12.43 2.40
CA GLU A 205 -8.46 -11.87 3.67
C GLU A 205 -9.72 -11.03 3.54
N ASP A 206 -9.87 -10.34 2.41
CA ASP A 206 -11.06 -9.55 2.14
C ASP A 206 -12.20 -10.42 1.63
N ASP A 207 -11.88 -11.45 0.86
CA ASP A 207 -12.89 -12.42 0.40
C ASP A 207 -13.49 -13.17 1.58
N ALA A 208 -12.66 -13.47 2.57
CA ALA A 208 -13.12 -14.18 3.77
C ALA A 208 -14.21 -13.38 4.48
N ALA A 209 -13.99 -12.07 4.63
CA ALA A 209 -14.99 -11.20 5.26
C ALA A 209 -16.32 -11.18 4.51
N THR A 210 -16.26 -11.17 3.18
CA THR A 210 -17.44 -11.21 2.32
C THR A 210 -18.32 -12.43 2.63
N VAL A 211 -17.70 -13.61 2.73
CA VAL A 211 -18.44 -14.83 3.06
C VAL A 211 -18.84 -14.87 4.55
N TYR A 212 -18.02 -14.31 5.43
CA TYR A 212 -18.34 -14.29 6.87
C TYR A 212 -19.61 -13.54 7.21
N ARG A 213 -19.88 -12.44 6.50
CA ARG A 213 -21.11 -11.69 6.75
C ARG A 213 -22.30 -12.22 5.93
N ALA A 214 -22.02 -12.70 4.72
CA ALA A 214 -23.03 -13.39 3.93
C ALA A 214 -23.48 -14.66 4.64
N ALA A 215 -22.57 -15.22 5.44
CA ALA A 215 -22.84 -16.46 6.20
C ALA A 215 -23.60 -16.18 7.46
N ALA A 216 -23.20 -15.12 8.17
CA ALA A 216 -23.84 -14.71 9.41
C ALA A 216 -25.28 -14.28 9.16
N MET A 217 -25.54 -13.85 7.93
CA MET A 217 -26.84 -13.33 7.55
C MET A 217 -27.81 -14.44 7.17
N LEU A 218 -27.37 -15.37 6.33
CA LEU A 218 -28.18 -16.56 6.01
C LEU A 218 -28.24 -17.52 7.20
N ASN A 219 -27.60 -17.10 8.30
CA ASN A 219 -27.60 -17.82 9.57
C ASN A 219 -26.81 -19.12 9.57
N MET A 220 -25.48 -19.00 9.48
CA MET A 220 -24.57 -20.14 9.51
C MET A 220 -23.43 -19.91 10.51
N THR A 221 -23.77 -19.20 11.59
CA THR A 221 -22.80 -18.85 12.61
C THR A 221 -23.06 -19.62 13.91
N GLY A 222 -24.34 -19.80 14.24
CA GLY A 222 -24.72 -20.40 15.52
C GLY A 222 -24.66 -21.93 15.63
N SER A 223 -24.39 -22.39 16.85
CA SER A 223 -24.52 -23.80 17.27
C SER A 223 -23.90 -24.88 16.37
N GLY A 224 -24.74 -25.60 15.62
CA GLY A 224 -24.32 -26.80 14.89
C GLY A 224 -23.06 -26.72 14.03
N TYR A 225 -22.76 -25.50 13.58
CA TYR A 225 -21.68 -25.26 12.62
C TYR A 225 -20.30 -25.27 13.24
N VAL A 226 -19.32 -25.66 12.43
CA VAL A 226 -17.90 -25.54 12.79
C VAL A 226 -17.19 -24.78 11.67
N TRP A 227 -16.51 -23.70 12.04
CA TRP A 227 -15.74 -22.94 11.06
C TRP A 227 -14.26 -23.21 11.23
N LEU A 228 -13.71 -23.92 10.25
CA LEU A 228 -12.28 -24.26 10.24
C LEU A 228 -11.63 -23.60 9.04
N VAL A 229 -10.78 -22.62 9.32
CA VAL A 229 -10.06 -21.89 8.29
C VAL A 229 -8.56 -21.95 8.56
N GLY A 230 -7.82 -21.09 7.88
CA GLY A 230 -6.39 -20.91 8.13
C GLY A 230 -6.08 -19.44 8.38
N GLU A 231 -4.82 -19.15 8.62
CA GLU A 231 -4.33 -17.77 8.73
C GLU A 231 -4.70 -17.08 7.44
N ARG A 232 -5.05 -15.80 7.54
CA ARG A 232 -5.51 -14.99 6.41
C ARG A 232 -7.02 -14.92 6.41
N GLU A 233 -7.65 -16.04 6.72
CA GLU A 233 -9.09 -16.10 6.92
C GLU A 233 -9.44 -15.68 8.36
N ILE A 234 -8.40 -15.36 9.13
CA ILE A 234 -8.53 -14.79 10.48
C ILE A 234 -7.62 -13.56 10.65
N SER A 235 -7.26 -12.94 9.53
CA SER A 235 -6.37 -11.77 9.52
C SER A 235 -7.00 -10.60 8.77
N GLY A 236 -6.84 -9.40 9.32
CA GLY A 236 -7.28 -8.17 8.65
C GLY A 236 -8.77 -7.87 8.74
N ASN A 237 -9.41 -7.71 7.59
CA ASN A 237 -10.85 -7.49 7.52
C ASN A 237 -11.63 -8.72 7.97
N ALA A 238 -11.15 -9.91 7.58
CA ALA A 238 -11.60 -11.13 8.22
C ALA A 238 -11.22 -10.98 9.67
N LEU A 239 -11.96 -11.62 10.57
CA LEU A 239 -11.73 -11.46 12.03
C LEU A 239 -12.38 -10.19 12.57
N ARG A 240 -12.51 -9.18 11.73
CA ARG A 240 -13.40 -8.07 12.05
C ARG A 240 -14.84 -8.53 11.84
N TYR A 241 -15.02 -9.46 10.90
CA TYR A 241 -16.33 -9.98 10.54
C TYR A 241 -16.51 -11.46 10.86
N ALA A 242 -15.42 -12.11 11.28
CA ALA A 242 -15.45 -13.55 11.58
C ALA A 242 -16.34 -13.87 12.78
N PRO A 243 -17.13 -14.96 12.68
CA PRO A 243 -18.04 -15.36 13.74
C PRO A 243 -17.30 -15.86 14.96
N ASP A 244 -17.87 -15.66 16.14
CA ASP A 244 -17.31 -16.23 17.36
C ASP A 244 -17.26 -17.75 17.25
N GLY A 245 -16.14 -18.33 17.63
CA GLY A 245 -15.94 -19.78 17.60
C GLY A 245 -15.23 -20.31 16.37
N ILE A 246 -14.81 -19.41 15.49
CA ILE A 246 -14.02 -19.79 14.32
C ILE A 246 -12.64 -20.28 14.75
N ILE A 247 -12.17 -21.36 14.13
CA ILE A 247 -10.83 -21.85 14.40
C ILE A 247 -9.95 -21.61 13.19
N GLY A 248 -8.86 -20.89 13.41
CA GLY A 248 -7.90 -20.59 12.36
C GLY A 248 -6.49 -20.96 12.79
N LEU A 249 -5.57 -20.94 11.83
CA LEU A 249 -4.19 -21.30 12.10
C LEU A 249 -3.34 -20.04 12.09
N GLN A 250 -2.13 -20.13 12.64
CA GLN A 250 -1.15 -19.03 12.60
C GLN A 250 0.26 -19.62 12.64
N LEU A 251 0.98 -19.45 11.55
CA LEU A 251 2.33 -20.02 11.42
C LEU A 251 3.28 -19.35 12.40
N ILE A 252 3.75 -20.11 13.38
CA ILE A 252 4.63 -19.60 14.41
C ILE A 252 5.93 -19.09 13.79
N ASN A 253 6.30 -17.86 14.14
CA ASN A 253 7.37 -17.11 13.48
C ASN A 253 7.20 -17.11 11.98
N GLY A 254 6.11 -16.50 11.54
CA GLY A 254 5.83 -16.36 10.13
C GLY A 254 6.06 -14.92 9.76
N LYS A 255 5.76 -14.04 10.71
CA LYS A 255 5.82 -12.61 10.47
C LYS A 255 7.12 -12.05 11.05
N ASN A 256 7.97 -12.96 11.52
CA ASN A 256 9.26 -12.60 12.12
C ASN A 256 10.42 -12.57 11.13
N GLU A 257 10.75 -11.38 10.65
CA GLU A 257 11.78 -11.25 9.62
C GLU A 257 13.13 -11.69 10.13
N SER A 258 13.58 -11.06 11.21
CA SER A 258 14.89 -11.34 11.79
C SER A 258 15.16 -12.82 12.05
N ALA A 259 14.12 -13.56 12.44
CA ALA A 259 14.25 -15.00 12.66
C ALA A 259 14.61 -15.75 11.38
N HIS A 260 14.02 -15.34 10.27
CA HIS A 260 14.29 -16.01 9.01
C HIS A 260 15.56 -15.49 8.36
N ILE A 261 15.82 -14.18 8.50
CA ILE A 261 17.04 -13.55 8.00
C ILE A 261 18.24 -14.31 8.54
N SER A 262 18.13 -14.71 9.79
CA SER A 262 19.13 -15.55 10.43
C SER A 262 19.20 -16.95 9.79
N ASP A 263 18.08 -17.68 9.83
CA ASP A 263 18.03 -19.08 9.34
C ASP A 263 18.41 -19.26 7.88
N ALA A 264 18.05 -18.28 7.06
CA ALA A 264 18.38 -18.32 5.65
C ALA A 264 19.88 -18.17 5.50
N VAL A 265 20.45 -17.16 6.18
CA VAL A 265 21.90 -16.98 6.17
C VAL A 265 22.60 -18.25 6.66
N GLY A 266 22.02 -18.88 7.69
CA GLY A 266 22.53 -20.14 8.22
C GLY A 266 22.67 -21.25 7.19
N VAL A 267 21.57 -21.56 6.51
CA VAL A 267 21.55 -22.67 5.53
C VAL A 267 22.25 -22.32 4.24
N VAL A 268 22.28 -21.04 3.88
CA VAL A 268 22.97 -20.60 2.68
C VAL A 268 24.47 -20.64 2.94
N ALA A 269 24.87 -20.31 4.16
CA ALA A 269 26.26 -20.45 4.60
C ALA A 269 26.64 -21.92 4.67
N GLN A 270 25.77 -22.72 5.29
CA GLN A 270 26.02 -24.16 5.45
C GLN A 270 26.16 -24.87 4.12
N ALA A 271 25.39 -24.43 3.12
CA ALA A 271 25.38 -25.05 1.81
C ALA A 271 26.48 -24.55 0.87
N VAL A 272 26.84 -23.27 0.99
CA VAL A 272 27.89 -22.70 0.14
C VAL A 272 29.26 -23.33 0.43
N HIS A 273 29.47 -23.75 1.68
CA HIS A 273 30.68 -24.46 2.08
C HIS A 273 30.68 -25.85 1.44
N GLU A 274 29.53 -26.53 1.52
CA GLU A 274 29.32 -27.80 0.85
C GLU A 274 29.62 -27.76 -0.64
N LEU A 275 29.24 -26.66 -1.29
CA LEU A 275 29.42 -26.48 -2.73
C LEU A 275 30.89 -26.33 -3.09
N LEU A 276 31.59 -25.51 -2.33
CA LEU A 276 33.01 -25.21 -2.58
C LEU A 276 33.93 -26.39 -2.23
N GLU A 277 33.33 -27.45 -1.69
CA GLU A 277 34.04 -28.68 -1.39
C GLU A 277 34.19 -29.53 -2.65
N LYS A 278 33.51 -29.12 -3.73
CA LYS A 278 33.37 -29.94 -4.93
C LYS A 278 34.23 -29.51 -6.11
N GLU A 279 34.41 -30.45 -7.04
CA GLU A 279 35.12 -30.23 -8.30
C GLU A 279 34.15 -29.66 -9.34
N ASN A 280 34.70 -28.89 -10.27
CA ASN A 280 33.92 -28.24 -11.33
C ASN A 280 32.85 -27.31 -10.77
N ILE A 281 33.27 -26.30 -10.02
CA ILE A 281 32.39 -25.22 -9.61
C ILE A 281 32.76 -23.92 -10.32
N THR A 282 31.79 -23.35 -11.02
CA THR A 282 31.98 -22.12 -11.76
C THR A 282 31.40 -20.93 -10.99
N ASP A 283 32.00 -19.76 -11.16
CA ASP A 283 31.54 -18.53 -10.52
C ASP A 283 30.18 -18.09 -11.04
N PRO A 284 29.38 -17.40 -10.21
CA PRO A 284 28.09 -16.86 -10.66
C PRO A 284 28.25 -15.69 -11.63
N PRO A 285 27.22 -15.41 -12.46
CA PRO A 285 27.29 -14.36 -13.48
C PRO A 285 27.65 -12.99 -12.92
N ARG A 286 28.55 -12.30 -13.61
CA ARG A 286 29.07 -11.00 -13.17
C ARG A 286 28.03 -9.89 -13.24
N GLY A 287 27.36 -9.76 -14.39
CA GLY A 287 26.36 -8.72 -14.58
C GLY A 287 25.12 -9.23 -15.27
N CYS A 288 24.16 -8.35 -15.49
CA CYS A 288 22.94 -8.70 -16.23
C CYS A 288 23.03 -8.34 -17.71
N VAL A 289 23.61 -7.17 -17.99
CA VAL A 289 23.62 -6.55 -19.32
C VAL A 289 24.27 -7.40 -20.42
N GLY A 290 23.50 -7.62 -21.50
CA GLY A 290 23.98 -8.40 -22.65
C GLY A 290 24.55 -9.76 -22.29
N ASN A 291 24.08 -10.32 -21.18
CA ASN A 291 24.53 -11.61 -20.71
C ASN A 291 23.36 -12.59 -20.73
N THR A 292 23.46 -13.63 -21.56
CA THR A 292 22.35 -14.56 -21.76
C THR A 292 22.73 -16.02 -21.53
N ASN A 293 23.89 -16.25 -20.94
CA ASN A 293 24.25 -17.59 -20.49
C ASN A 293 23.98 -17.73 -19.00
N ILE A 294 23.68 -18.95 -18.57
CA ILE A 294 23.46 -19.26 -17.17
C ILE A 294 24.79 -19.62 -16.52
N TRP A 295 24.82 -19.85 -15.20
CA TRP A 295 25.98 -20.52 -14.61
C TRP A 295 25.61 -21.97 -14.31
N LYS A 296 26.31 -22.91 -14.94
CA LYS A 296 25.93 -24.33 -14.92
C LYS A 296 25.80 -24.92 -13.51
N THR A 297 26.48 -24.33 -12.54
CA THR A 297 26.44 -24.80 -11.15
C THR A 297 25.20 -24.31 -10.40
N GLY A 298 24.44 -23.41 -11.03
CA GLY A 298 23.20 -22.90 -10.47
C GLY A 298 22.20 -23.97 -10.08
N PRO A 299 21.84 -24.85 -11.03
CA PRO A 299 20.95 -25.97 -10.70
C PRO A 299 21.52 -26.86 -9.61
N LEU A 300 22.81 -27.17 -9.70
CA LEU A 300 23.52 -27.96 -8.69
C LEU A 300 23.33 -27.35 -7.30
N PHE A 301 23.73 -26.09 -7.16
CA PHE A 301 23.68 -25.33 -5.92
C PHE A 301 22.28 -25.29 -5.32
N LYS A 302 21.26 -25.21 -6.19
CA LYS A 302 19.87 -25.22 -5.73
C LYS A 302 19.48 -26.58 -5.17
N ARG A 303 20.01 -27.65 -5.76
CA ARG A 303 19.77 -29.01 -5.26
C ARG A 303 20.50 -29.26 -3.93
N VAL A 304 21.68 -28.65 -3.79
CA VAL A 304 22.42 -28.65 -2.52
C VAL A 304 21.60 -27.95 -1.44
N LEU A 305 21.12 -26.74 -1.74
CA LEU A 305 20.27 -25.97 -0.83
C LEU A 305 19.04 -26.74 -0.36
N MET A 306 18.35 -27.41 -1.28
CA MET A 306 17.08 -28.08 -0.99
C MET A 306 17.24 -29.33 -0.12
N SER A 307 18.37 -30.01 -0.28
CA SER A 307 18.64 -31.21 0.52
C SER A 307 19.41 -30.88 1.82
N SER A 308 19.54 -29.58 2.13
CA SER A 308 20.23 -29.13 3.34
C SER A 308 19.40 -29.31 4.59
N LYS A 309 20.08 -29.71 5.67
CA LYS A 309 19.47 -29.86 6.98
C LYS A 309 20.10 -28.82 7.90
N TYR A 310 19.29 -28.30 8.82
CA TYR A 310 19.74 -27.26 9.74
C TYR A 310 18.92 -27.33 11.02
N ALA A 311 19.55 -27.83 12.08
CA ALA A 311 18.92 -27.88 13.38
C ALA A 311 19.25 -26.61 14.15
N ASP A 312 18.46 -26.33 15.18
CA ASP A 312 18.62 -25.13 16.04
C ASP A 312 18.53 -23.83 15.24
N GLY A 313 17.46 -23.68 14.46
CA GLY A 313 17.29 -22.51 13.62
C GLY A 313 17.06 -21.25 14.43
N VAL A 314 16.01 -21.30 15.25
CA VAL A 314 15.30 -20.18 15.92
C VAL A 314 13.86 -20.34 15.52
N THR A 315 13.69 -20.92 14.32
CA THR A 315 12.39 -21.15 13.73
C THR A 315 12.15 -22.65 13.57
N GLY A 316 12.93 -23.44 14.30
CA GLY A 316 12.81 -24.89 14.30
C GLY A 316 13.77 -25.57 13.34
N ARG A 317 13.47 -26.82 13.01
CA ARG A 317 14.29 -27.61 12.10
C ARG A 317 14.10 -27.08 10.69
N VAL A 318 15.18 -26.60 10.08
CA VAL A 318 15.10 -26.05 8.73
C VAL A 318 15.50 -27.09 7.68
N GLU A 319 14.53 -27.52 6.89
CA GLU A 319 14.79 -28.33 5.71
C GLU A 319 13.66 -28.17 4.69
N PHE A 320 13.95 -28.46 3.43
CA PHE A 320 13.06 -28.16 2.33
C PHE A 320 12.64 -29.41 1.57
N ASN A 321 11.36 -29.52 1.25
CA ASN A 321 10.88 -30.67 0.51
C ASN A 321 11.18 -30.61 -0.99
N GLU A 322 10.84 -31.68 -1.69
CA GLU A 322 11.19 -31.87 -3.10
C GLU A 322 10.37 -30.99 -4.05
N ASP A 323 9.09 -30.81 -3.72
CA ASP A 323 8.03 -30.34 -4.63
C ASP A 323 8.35 -29.01 -5.32
N GLY A 324 8.65 -28.03 -4.50
CA GLY A 324 9.46 -26.91 -4.88
C GLY A 324 10.48 -26.99 -3.78
N ASP A 325 10.22 -26.23 -2.73
CA ASP A 325 10.91 -26.38 -1.47
C ASP A 325 10.12 -25.58 -0.44
N ARG A 326 9.82 -26.19 0.70
CA ARG A 326 9.12 -25.49 1.74
C ARG A 326 9.44 -26.14 3.07
N LYS A 327 9.56 -25.33 4.09
CA LYS A 327 9.90 -25.81 5.41
C LYS A 327 8.83 -26.79 5.92
N PHE A 328 9.23 -27.77 6.74
CA PHE A 328 8.24 -28.57 7.50
C PHE A 328 8.33 -28.48 9.05
N ALA A 329 7.59 -27.49 9.57
CA ALA A 329 7.61 -27.07 10.98
C ALA A 329 6.26 -26.50 11.47
N ASN A 330 6.27 -25.93 12.68
CA ASN A 330 5.07 -25.75 13.52
C ASN A 330 4.07 -24.63 13.17
N TYR A 331 2.77 -24.96 13.30
CA TYR A 331 1.66 -24.00 13.25
C TYR A 331 1.03 -23.93 14.64
N SER A 332 0.12 -22.98 14.86
CA SER A 332 -0.60 -22.91 16.14
C SER A 332 -2.09 -22.60 15.95
N ILE A 333 -2.93 -23.51 16.43
CA ILE A 333 -4.38 -23.40 16.29
C ILE A 333 -4.94 -22.28 17.18
N MET A 334 -5.67 -21.35 16.57
CA MET A 334 -6.29 -20.21 17.29
C MET A 334 -7.82 -20.28 17.25
N ASN A 335 -8.46 -19.78 18.30
CA ASN A 335 -9.92 -19.79 18.43
C ASN A 335 -10.47 -18.43 18.85
N LEU A 336 -11.51 -17.97 18.15
CA LEU A 336 -12.07 -16.63 18.35
C LEU A 336 -13.01 -16.65 19.56
N GLN A 337 -12.55 -16.05 20.66
CA GLN A 337 -13.28 -16.03 21.93
C GLN A 337 -13.40 -14.61 22.49
N ASN A 338 -14.64 -14.12 22.56
CA ASN A 338 -14.95 -12.74 22.97
C ASN A 338 -14.35 -11.72 22.01
N ARG A 339 -14.29 -12.10 20.73
CA ARG A 339 -13.66 -11.27 19.69
C ARG A 339 -12.15 -11.18 19.83
N LYS A 340 -11.55 -12.16 20.53
CA LYS A 340 -10.12 -12.18 20.86
C LYS A 340 -9.49 -13.55 20.58
N LEU A 341 -8.58 -13.61 19.61
CA LEU A 341 -7.96 -14.89 19.19
C LEU A 341 -7.08 -15.52 20.25
N VAL A 342 -7.58 -16.60 20.87
CA VAL A 342 -6.80 -17.29 21.90
C VAL A 342 -6.35 -18.68 21.45
N GLN A 343 -5.11 -19.04 21.78
CA GLN A 343 -4.54 -20.31 21.37
C GLN A 343 -5.14 -21.49 22.14
N VAL A 344 -5.71 -22.43 21.41
CA VAL A 344 -6.36 -23.60 22.00
C VAL A 344 -5.65 -24.90 21.62
N GLY A 345 -4.50 -24.76 20.97
CA GLY A 345 -3.72 -25.91 20.53
C GLY A 345 -2.52 -25.51 19.69
N ILE A 346 -1.69 -26.50 19.36
CA ILE A 346 -0.48 -26.28 18.58
C ILE A 346 -0.25 -27.50 17.70
N TYR A 347 0.31 -27.26 16.52
CA TYR A 347 0.58 -28.33 15.58
C TYR A 347 2.08 -28.43 15.37
N ASN A 348 2.66 -29.55 15.82
CA ASN A 348 4.06 -29.89 15.52
C ASN A 348 4.15 -30.24 14.03
N GLY A 349 5.30 -30.72 13.58
CA GLY A 349 5.43 -31.12 12.18
C GLY A 349 4.43 -32.16 11.68
N THR A 350 3.79 -32.88 12.61
CA THR A 350 2.95 -34.04 12.27
C THR A 350 1.55 -34.06 12.90
N HIS A 351 1.46 -33.88 14.23
CA HIS A 351 0.21 -34.06 14.98
C HIS A 351 -0.36 -32.77 15.58
N VAL A 352 -1.68 -32.67 15.61
CA VAL A 352 -2.36 -31.60 16.34
C VAL A 352 -2.42 -32.03 17.80
N ILE A 353 -1.92 -31.17 18.69
CA ILE A 353 -1.90 -31.48 20.12
C ILE A 353 -2.55 -30.39 20.96
N PRO A 354 -3.74 -30.68 21.55
CA PRO A 354 -4.50 -29.69 22.33
C PRO A 354 -3.77 -29.22 23.60
N ASN A 355 -4.06 -28.00 24.02
CA ASN A 355 -3.55 -27.48 25.29
C ASN A 355 -4.60 -27.56 26.40
N ASP A 356 -4.31 -26.92 27.54
CA ASP A 356 -5.23 -26.90 28.68
C ASP A 356 -6.48 -26.07 28.39
N ARG A 357 -6.28 -24.91 27.76
CA ARG A 357 -7.34 -23.92 27.53
C ARG A 357 -8.52 -24.49 26.75
N LYS A 358 -9.72 -24.22 27.27
CA LYS A 358 -10.96 -24.75 26.70
C LYS A 358 -11.43 -23.96 25.47
N ILE A 359 -12.24 -24.61 24.65
CA ILE A 359 -12.52 -24.14 23.30
C ILE A 359 -14.02 -23.95 23.03
N ILE A 360 -14.45 -22.69 22.95
CA ILE A 360 -15.87 -22.40 22.67
C ILE A 360 -16.15 -22.42 21.16
N TRP A 361 -17.13 -23.22 20.76
CA TRP A 361 -17.43 -23.45 19.35
C TRP A 361 -18.37 -22.38 18.80
N PRO A 362 -18.59 -22.36 17.47
CA PRO A 362 -19.52 -21.41 16.91
C PRO A 362 -20.87 -21.45 17.61
N GLY A 363 -21.40 -20.26 17.88
CA GLY A 363 -22.66 -20.12 18.60
C GLY A 363 -22.52 -20.39 20.08
N GLY A 364 -21.42 -19.91 20.66
CA GLY A 364 -21.16 -20.02 22.11
C GLY A 364 -21.15 -21.42 22.71
N GLU A 365 -21.35 -22.42 21.87
CA GLU A 365 -21.42 -23.82 22.29
C GLU A 365 -20.19 -24.29 23.06
N THR A 366 -20.43 -24.96 24.18
CA THR A 366 -19.37 -25.42 25.08
C THR A 366 -18.76 -26.76 24.68
N GLU A 367 -19.60 -27.74 24.34
CA GLU A 367 -19.15 -29.07 23.92
C GLU A 367 -18.98 -29.16 22.40
N LYS A 368 -18.08 -30.04 21.97
CA LYS A 368 -17.78 -30.28 20.56
C LYS A 368 -19.03 -30.67 19.77
N PRO A 369 -19.25 -30.04 18.59
CA PRO A 369 -20.29 -30.52 17.69
C PRO A 369 -19.76 -31.70 16.87
N ARG A 370 -20.51 -32.12 15.86
CA ARG A 370 -20.05 -33.19 15.00
C ARG A 370 -20.28 -32.89 13.53
N GLY A 371 -20.67 -31.64 13.25
CA GLY A 371 -21.11 -31.26 11.91
C GLY A 371 -22.40 -32.01 11.64
N TYR A 372 -22.43 -32.75 10.54
CA TYR A 372 -23.36 -33.86 10.39
C TYR A 372 -24.82 -33.52 10.76
N GLN A 373 -25.37 -32.48 10.13
CA GLN A 373 -26.77 -32.01 10.28
C GLN A 373 -27.34 -31.75 11.69
N VAL A 374 -26.85 -32.49 12.69
CA VAL A 374 -27.32 -32.42 14.10
C VAL A 374 -28.83 -32.66 14.21
N PRO B 4 9.91 -34.60 -43.82
CA PRO B 4 8.96 -33.51 -43.54
C PRO B 4 9.06 -33.03 -42.08
N LYS B 5 10.11 -32.25 -41.78
CA LYS B 5 10.41 -31.84 -40.39
C LYS B 5 9.42 -30.82 -39.81
N ILE B 6 8.70 -31.24 -38.77
CA ILE B 6 7.70 -30.40 -38.12
C ILE B 6 8.34 -29.43 -37.13
N VAL B 7 8.13 -28.13 -37.36
CA VAL B 7 8.62 -27.08 -36.49
C VAL B 7 7.43 -26.28 -35.94
N ASN B 8 7.17 -26.43 -34.65
CA ASN B 8 6.06 -25.75 -33.99
C ASN B 8 6.36 -24.28 -33.76
N ILE B 9 5.35 -23.43 -33.92
CA ILE B 9 5.45 -22.01 -33.55
C ILE B 9 4.24 -21.65 -32.68
N GLY B 10 4.54 -21.11 -31.50
CA GLY B 10 3.50 -20.76 -30.53
C GLY B 10 3.14 -19.28 -30.55
N ALA B 11 1.89 -19.00 -30.20
CA ALA B 11 1.42 -17.63 -30.07
C ALA B 11 0.38 -17.51 -28.96
N VAL B 12 0.45 -16.41 -28.22
CA VAL B 12 -0.61 -16.05 -27.29
C VAL B 12 -1.28 -14.78 -27.80
N LEU B 13 -2.54 -14.91 -28.21
CA LEU B 13 -3.24 -13.89 -28.97
C LEU B 13 -4.56 -13.51 -28.32
N SER B 14 -5.20 -12.48 -28.87
CA SER B 14 -6.37 -11.86 -28.25
C SER B 14 -7.65 -12.68 -28.30
N THR B 15 -8.07 -13.06 -29.51
CA THR B 15 -9.35 -13.75 -29.70
C THR B 15 -9.23 -15.10 -30.40
N ARG B 16 -10.34 -15.83 -30.45
CA ARG B 16 -10.42 -17.08 -31.19
C ARG B 16 -10.22 -16.85 -32.69
N LYS B 17 -10.71 -15.71 -33.18
CA LYS B 17 -10.60 -15.32 -34.60
C LYS B 17 -9.17 -14.97 -34.96
N HIS B 18 -8.41 -14.48 -33.99
CA HIS B 18 -6.99 -14.19 -34.17
C HIS B 18 -6.15 -15.47 -34.13
N GLU B 19 -6.59 -16.43 -33.31
CA GLU B 19 -6.00 -17.77 -33.32
C GLU B 19 -6.15 -18.38 -34.70
N GLN B 20 -7.32 -18.15 -35.29
CA GLN B 20 -7.66 -18.64 -36.63
C GLN B 20 -6.84 -17.90 -37.66
N MET B 21 -6.68 -16.59 -37.46
CA MET B 21 -5.93 -15.71 -38.36
C MET B 21 -4.44 -16.07 -38.37
N PHE B 22 -3.98 -16.62 -37.26
CA PHE B 22 -2.58 -17.04 -37.05
C PHE B 22 -2.35 -18.38 -37.75
N ARG B 23 -3.30 -19.30 -37.58
CA ARG B 23 -3.25 -20.62 -38.21
C ARG B 23 -3.20 -20.49 -39.73
N GLU B 24 -3.93 -19.52 -40.26
CA GLU B 24 -3.93 -19.23 -41.70
C GLU B 24 -2.59 -18.63 -42.13
N ALA B 25 -2.27 -17.46 -41.56
CA ALA B 25 -1.04 -16.75 -41.88
C ALA B 25 0.22 -17.62 -41.79
N VAL B 26 0.20 -18.62 -40.91
CA VAL B 26 1.33 -19.55 -40.79
C VAL B 26 1.39 -20.53 -41.96
N ASN B 27 0.36 -21.35 -42.10
CA ASN B 27 0.34 -22.39 -43.15
C ASN B 27 0.16 -21.80 -44.56
N GLN B 28 -0.08 -20.49 -44.62
CA GLN B 28 -0.01 -19.74 -45.87
C GLN B 28 1.45 -19.44 -46.17
N ALA B 29 2.16 -18.93 -45.17
CA ALA B 29 3.60 -18.69 -45.26
C ALA B 29 4.37 -20.00 -45.33
N ASN B 30 3.67 -21.10 -45.10
CA ASN B 30 4.22 -22.44 -45.19
C ASN B 30 4.37 -22.84 -46.66
N LYS B 31 3.33 -22.56 -47.45
CA LYS B 31 3.34 -22.79 -48.89
C LYS B 31 4.18 -21.75 -49.61
N ARG B 32 4.24 -20.54 -49.04
CA ARG B 32 5.07 -19.47 -49.59
C ARG B 32 6.55 -19.87 -49.62
N HIS B 33 7.05 -20.41 -48.51
CA HIS B 33 8.46 -20.81 -48.41
C HIS B 33 8.76 -22.12 -49.11
N GLY B 34 7.94 -23.14 -48.86
CA GLY B 34 8.15 -24.46 -49.41
C GLY B 34 8.16 -25.50 -48.32
N SER B 35 7.11 -26.31 -48.31
CA SER B 35 6.89 -27.37 -47.31
C SER B 35 7.79 -28.61 -47.53
N TRP B 36 8.78 -28.50 -48.42
CA TRP B 36 9.68 -29.60 -48.75
C TRP B 36 10.54 -30.02 -47.57
N LYS B 37 11.45 -29.14 -47.15
CA LYS B 37 12.37 -29.41 -46.06
C LYS B 37 11.64 -29.41 -44.72
N ILE B 38 11.18 -28.23 -44.31
CA ILE B 38 10.50 -28.04 -43.03
C ILE B 38 9.06 -27.58 -43.20
N GLN B 39 8.21 -27.98 -42.26
CA GLN B 39 6.78 -27.68 -42.30
C GLN B 39 6.40 -26.98 -41.01
N LEU B 40 6.02 -25.70 -41.10
CA LEU B 40 5.70 -24.89 -39.93
C LEU B 40 4.32 -25.18 -39.38
N ASN B 41 4.26 -25.41 -38.07
CA ASN B 41 3.03 -25.78 -37.39
C ASN B 41 2.57 -24.70 -36.42
N ALA B 42 1.26 -24.51 -36.37
CA ALA B 42 0.68 -23.47 -35.51
C ALA B 42 -0.06 -24.07 -34.32
N THR B 43 0.39 -23.70 -33.14
CA THR B 43 -0.29 -24.04 -31.89
C THR B 43 -0.36 -22.77 -31.04
N SER B 44 -1.53 -22.50 -30.47
CA SER B 44 -1.75 -21.23 -29.80
C SER B 44 -2.80 -21.28 -28.68
N VAL B 45 -2.86 -20.19 -27.91
CA VAL B 45 -3.79 -20.05 -26.79
C VAL B 45 -4.27 -18.60 -26.65
N THR B 46 -5.55 -18.46 -26.31
CA THR B 46 -6.19 -17.17 -25.98
C THR B 46 -5.52 -16.53 -24.76
N HIS B 47 -5.23 -15.21 -24.86
CA HIS B 47 -4.48 -14.48 -23.81
C HIS B 47 -5.18 -14.44 -22.44
N LYS B 48 -4.39 -14.32 -21.38
CA LYS B 48 -4.89 -14.30 -20.01
C LYS B 48 -4.47 -13.01 -19.29
N PRO B 49 -5.43 -12.27 -18.71
CA PRO B 49 -5.04 -11.01 -18.08
C PRO B 49 -4.39 -11.24 -16.71
N ASN B 50 -4.72 -12.36 -16.06
CA ASN B 50 -4.15 -12.73 -14.77
C ASN B 50 -2.76 -13.33 -14.94
N ALA B 51 -1.74 -12.50 -14.76
CA ALA B 51 -0.34 -12.84 -15.06
C ALA B 51 0.19 -14.17 -14.47
N ILE B 52 -0.47 -14.70 -13.44
CA ILE B 52 -0.13 -16.04 -12.95
C ILE B 52 -0.67 -17.07 -13.91
N GLN B 53 -1.98 -16.98 -14.20
CA GLN B 53 -2.65 -17.91 -15.10
C GLN B 53 -2.03 -17.91 -16.49
N MET B 54 -1.55 -16.74 -16.90
CA MET B 54 -0.86 -16.57 -18.17
C MET B 54 0.47 -17.31 -18.19
N ALA B 55 1.31 -17.02 -17.20
CA ALA B 55 2.62 -17.65 -17.11
C ALA B 55 2.48 -19.17 -17.03
N LEU B 56 1.41 -19.62 -16.38
CA LEU B 56 1.13 -21.04 -16.24
C LEU B 56 0.73 -21.68 -17.56
N SER B 57 0.03 -20.90 -18.40
CA SER B 57 -0.44 -21.37 -19.70
C SER B 57 0.71 -21.55 -20.71
N VAL B 58 1.67 -20.63 -20.69
CA VAL B 58 2.85 -20.70 -21.56
C VAL B 58 3.62 -22.02 -21.35
N CYS B 59 3.66 -22.51 -20.11
CA CYS B 59 4.26 -23.83 -19.85
C CYS B 59 3.34 -24.97 -20.24
N GLU B 60 2.11 -24.95 -19.76
CA GLU B 60 1.18 -26.06 -19.94
C GLU B 60 0.68 -26.23 -21.38
N ASP B 61 0.67 -25.14 -22.14
CA ASP B 61 0.09 -25.13 -23.48
C ASP B 61 1.10 -24.92 -24.62
N LEU B 62 2.10 -24.08 -24.40
CA LEU B 62 3.03 -23.76 -25.46
C LEU B 62 4.36 -24.51 -25.35
N ILE B 63 5.19 -24.15 -24.37
CA ILE B 63 6.51 -24.76 -24.16
C ILE B 63 6.45 -26.29 -24.09
N SER B 64 5.37 -26.82 -23.53
CA SER B 64 5.17 -28.26 -23.41
C SER B 64 5.10 -28.96 -24.78
N SER B 65 4.74 -28.21 -25.82
CA SER B 65 4.61 -28.79 -27.16
C SER B 65 5.74 -28.37 -28.12
N GLN B 66 6.97 -28.29 -27.60
CA GLN B 66 8.17 -28.07 -28.42
C GLN B 66 8.09 -26.80 -29.26
N VAL B 67 8.18 -25.64 -28.63
CA VAL B 67 8.02 -24.38 -29.37
C VAL B 67 9.34 -23.65 -29.64
N TYR B 68 9.50 -23.13 -30.87
CA TYR B 68 10.71 -22.41 -31.27
C TYR B 68 10.69 -20.91 -30.96
N ALA B 69 9.49 -20.32 -30.97
CA ALA B 69 9.29 -18.91 -30.60
C ALA B 69 7.82 -18.65 -30.24
N ILE B 70 7.57 -17.71 -29.33
CA ILE B 70 6.19 -17.34 -29.00
C ILE B 70 5.87 -15.89 -29.39
N LEU B 71 4.70 -15.70 -30.02
CA LEU B 71 4.17 -14.39 -30.35
C LEU B 71 3.20 -13.97 -29.24
N VAL B 72 3.39 -12.78 -28.68
CA VAL B 72 2.50 -12.30 -27.62
C VAL B 72 1.62 -11.15 -28.08
N SER B 73 0.32 -11.40 -28.10
CA SER B 73 -0.64 -10.37 -28.43
C SER B 73 -1.74 -10.24 -27.38
N HIS B 74 -2.39 -9.09 -27.36
CA HIS B 74 -3.45 -8.78 -26.40
C HIS B 74 -4.20 -7.53 -26.85
N PRO B 75 -5.41 -7.31 -26.31
CA PRO B 75 -6.13 -6.05 -26.50
C PRO B 75 -5.23 -4.84 -26.28
N PRO B 76 -5.26 -3.87 -27.22
CA PRO B 76 -4.37 -2.71 -27.15
C PRO B 76 -4.79 -1.68 -26.09
N THR B 77 -5.21 -2.15 -24.92
CA THR B 77 -5.66 -1.27 -23.83
C THR B 77 -4.55 -1.02 -22.81
N PRO B 78 -4.57 0.14 -22.13
CA PRO B 78 -3.49 0.50 -21.22
C PRO B 78 -3.40 -0.41 -19.97
N ASN B 79 -4.47 -1.13 -19.67
CA ASN B 79 -4.39 -2.11 -18.58
C ASN B 79 -4.26 -3.52 -19.12
N ASP B 80 -3.63 -3.62 -20.28
CA ASP B 80 -3.19 -4.88 -20.85
C ASP B 80 -1.71 -4.85 -21.26
N HIS B 81 -1.16 -3.65 -21.43
CA HIS B 81 0.18 -3.50 -22.01
C HIS B 81 1.29 -4.24 -21.25
N PHE B 82 0.93 -4.99 -20.22
CA PHE B 82 1.90 -5.80 -19.48
C PHE B 82 1.64 -7.31 -19.51
N THR B 83 0.57 -7.76 -20.18
CA THR B 83 0.34 -9.21 -20.30
C THR B 83 1.48 -9.99 -20.97
N PRO B 84 2.39 -9.30 -21.70
CA PRO B 84 3.61 -9.99 -22.14
C PRO B 84 4.69 -10.30 -21.09
N THR B 85 4.79 -9.51 -20.00
CA THR B 85 5.83 -9.77 -18.98
C THR B 85 5.90 -11.24 -18.51
N PRO B 86 4.76 -11.86 -18.12
CA PRO B 86 4.89 -13.27 -17.72
C PRO B 86 5.44 -14.17 -18.84
N VAL B 87 4.93 -14.00 -20.05
CA VAL B 87 5.34 -14.80 -21.20
C VAL B 87 6.83 -14.63 -21.46
N SER B 88 7.29 -13.38 -21.46
CA SER B 88 8.70 -13.08 -21.63
C SER B 88 9.55 -13.77 -20.56
N TYR B 89 9.19 -13.58 -19.28
CA TYR B 89 9.92 -14.18 -18.17
C TYR B 89 9.91 -15.71 -18.19
N THR B 90 8.75 -16.31 -18.47
CA THR B 90 8.61 -17.77 -18.49
C THR B 90 9.41 -18.39 -19.64
N ALA B 91 9.24 -17.86 -20.84
CA ALA B 91 9.94 -18.35 -22.02
C ALA B 91 11.41 -17.95 -22.03
N GLY B 92 11.70 -16.79 -21.43
CA GLY B 92 13.07 -16.29 -21.32
C GLY B 92 13.92 -17.18 -20.43
N PHE B 93 13.24 -17.90 -19.54
CA PHE B 93 13.87 -18.88 -18.65
C PHE B 93 14.67 -19.91 -19.43
N TYR B 94 14.12 -20.35 -20.56
CA TYR B 94 14.73 -21.35 -21.42
C TYR B 94 15.39 -20.74 -22.66
N ARG B 95 15.35 -19.40 -22.77
CA ARG B 95 15.90 -18.64 -23.90
C ARG B 95 15.08 -18.70 -25.19
N ILE B 96 13.83 -19.12 -25.08
CA ILE B 96 12.88 -19.14 -26.22
C ILE B 96 12.48 -17.70 -26.60
N PRO B 97 12.83 -17.27 -27.82
CA PRO B 97 12.58 -15.89 -28.24
C PRO B 97 11.10 -15.55 -28.21
N VAL B 98 10.75 -14.44 -27.56
CA VAL B 98 9.38 -14.01 -27.51
C VAL B 98 9.18 -12.79 -28.41
N LEU B 99 8.25 -12.93 -29.34
CA LEU B 99 7.94 -11.91 -30.32
C LEU B 99 6.65 -11.18 -29.95
N GLY B 100 6.77 -10.09 -29.20
CA GLY B 100 5.62 -9.26 -28.85
C GLY B 100 5.19 -8.45 -30.07
N LEU B 101 3.90 -8.11 -30.14
CA LEU B 101 3.40 -7.40 -31.32
C LEU B 101 2.33 -6.36 -31.04
N THR B 102 2.14 -6.00 -29.78
CA THR B 102 1.14 -4.98 -29.43
C THR B 102 1.72 -3.95 -28.45
N THR B 103 2.33 -4.46 -27.39
CA THR B 103 2.78 -3.65 -26.28
C THR B 103 3.90 -2.67 -26.65
N ARG B 104 3.76 -1.43 -26.18
CA ARG B 104 4.71 -0.35 -26.47
C ARG B 104 5.47 0.11 -25.21
N MET B 105 5.36 -0.65 -24.12
CA MET B 105 6.02 -0.28 -22.89
C MET B 105 7.53 -0.42 -23.03
N SER B 106 8.27 0.58 -22.58
CA SER B 106 9.70 0.65 -22.80
C SER B 106 10.53 -0.33 -21.98
N ILE B 107 9.97 -0.84 -20.88
CA ILE B 107 10.71 -1.74 -20.01
C ILE B 107 11.25 -2.98 -20.74
N TYR B 108 10.62 -3.35 -21.85
CA TYR B 108 11.04 -4.54 -22.58
C TYR B 108 12.34 -4.29 -23.32
N SER B 109 12.60 -3.03 -23.64
CA SER B 109 13.79 -2.64 -24.40
C SER B 109 15.01 -2.38 -23.52
N ASP B 110 14.93 -2.72 -22.24
CA ASP B 110 16.04 -2.50 -21.32
C ASP B 110 17.18 -3.49 -21.56
N LYS B 111 18.38 -3.07 -21.15
CA LYS B 111 19.62 -3.79 -21.40
C LYS B 111 19.74 -5.08 -20.59
N SER B 112 18.96 -5.19 -19.52
CA SER B 112 18.80 -6.45 -18.80
C SER B 112 17.33 -6.90 -18.75
N ILE B 113 17.02 -7.74 -17.76
CA ILE B 113 15.66 -8.29 -17.51
C ILE B 113 14.90 -8.97 -18.68
N HIS B 114 14.61 -8.25 -19.76
CA HIS B 114 13.96 -8.88 -20.90
C HIS B 114 14.94 -9.08 -22.04
N LEU B 115 15.80 -10.07 -21.86
CA LEU B 115 16.88 -10.37 -22.80
C LEU B 115 16.49 -11.34 -23.89
N SER B 116 15.30 -11.95 -23.75
CA SER B 116 14.87 -12.96 -24.68
C SER B 116 13.69 -12.45 -25.50
N PHE B 117 13.60 -11.13 -25.63
CA PHE B 117 12.41 -10.48 -26.16
C PHE B 117 12.69 -9.57 -27.35
N LEU B 118 11.77 -9.60 -28.33
CA LEU B 118 11.77 -8.63 -29.43
C LEU B 118 10.34 -8.34 -29.91
N ARG B 119 10.15 -7.18 -30.55
CA ARG B 119 8.81 -6.74 -30.98
C ARG B 119 8.74 -6.04 -32.33
N THR B 120 7.60 -6.20 -32.99
CA THR B 120 7.36 -5.63 -34.32
C THR B 120 6.89 -4.19 -34.25
N VAL B 121 6.77 -3.66 -33.04
CA VAL B 121 6.24 -2.32 -32.80
C VAL B 121 7.15 -1.60 -31.80
N PRO B 122 7.54 -0.34 -32.09
CA PRO B 122 8.50 0.36 -31.25
C PRO B 122 7.94 0.77 -29.89
N PRO B 123 8.81 0.94 -28.88
CA PRO B 123 8.39 1.46 -27.58
C PRO B 123 8.09 2.96 -27.61
N TYR B 124 7.33 3.44 -26.62
CA TYR B 124 6.94 4.86 -26.57
C TYR B 124 8.15 5.79 -26.42
N SER B 125 9.22 5.29 -25.80
CA SER B 125 10.46 6.06 -25.64
C SER B 125 11.05 6.51 -26.98
N HIS B 126 10.67 5.82 -28.06
CA HIS B 126 11.15 6.12 -29.41
C HIS B 126 10.40 7.28 -30.06
N GLN B 127 9.24 7.63 -29.50
CA GLN B 127 8.49 8.79 -29.97
C GLN B 127 9.31 10.09 -29.80
N SER B 128 10.38 10.01 -29.03
CA SER B 128 11.28 11.13 -28.80
C SER B 128 12.18 11.36 -30.00
N SER B 129 12.36 10.32 -30.81
CA SER B 129 13.10 10.44 -32.06
C SER B 129 12.30 11.27 -33.07
N VAL B 130 10.97 11.21 -32.98
CA VAL B 130 10.12 12.07 -33.78
C VAL B 130 10.17 13.50 -33.25
N TRP B 131 10.00 13.67 -31.94
CA TRP B 131 10.08 15.00 -31.33
C TRP B 131 11.38 15.71 -31.69
N PHE B 132 12.46 14.92 -31.81
CA PHE B 132 13.78 15.48 -32.13
C PHE B 132 13.83 16.05 -33.53
N GLU B 133 13.22 15.35 -34.47
CA GLU B 133 13.07 15.84 -35.83
C GLU B 133 12.10 17.01 -35.89
N MET B 134 10.98 16.88 -35.15
CA MET B 134 9.97 17.92 -35.05
C MET B 134 10.60 19.26 -34.67
N MET B 135 11.39 19.26 -33.60
CA MET B 135 12.23 20.40 -33.26
C MET B 135 13.20 20.60 -34.42
N ARG B 136 13.30 21.84 -34.90
CA ARG B 136 14.11 22.22 -36.09
C ARG B 136 13.29 22.31 -37.39
N VAL B 137 12.50 21.25 -37.70
CA VAL B 137 11.53 21.29 -38.80
C VAL B 137 10.62 22.52 -38.61
N TYR B 138 10.06 22.65 -37.41
CA TYR B 138 9.50 23.90 -36.93
C TYR B 138 10.55 24.39 -35.94
N ASN B 139 11.16 25.54 -36.23
CA ASN B 139 12.41 25.92 -35.57
C ASN B 139 12.29 26.36 -34.10
N TRP B 140 11.70 25.49 -33.28
CA TRP B 140 11.77 25.63 -31.83
C TRP B 140 12.88 24.71 -31.30
N ASN B 141 13.75 25.27 -30.45
CA ASN B 141 14.87 24.50 -29.90
C ASN B 141 15.23 24.79 -28.44
N HIS B 142 14.33 25.49 -27.75
CA HIS B 142 14.42 25.62 -26.31
C HIS B 142 13.09 25.15 -25.72
N ILE B 143 13.10 23.98 -25.08
CA ILE B 143 11.86 23.30 -24.64
C ILE B 143 11.75 23.03 -23.13
N ILE B 144 10.51 22.85 -22.67
CA ILE B 144 10.20 22.37 -21.32
C ILE B 144 9.77 20.90 -21.43
N LEU B 145 10.28 20.06 -20.56
CA LEU B 145 10.04 18.63 -20.63
C LEU B 145 9.45 18.10 -19.32
N LEU B 146 8.26 17.49 -19.39
CA LEU B 146 7.76 16.73 -18.23
C LEU B 146 7.36 15.29 -18.50
N VAL B 147 8.03 14.41 -17.76
CA VAL B 147 7.95 12.97 -17.92
C VAL B 147 7.40 12.31 -16.65
N SER B 148 7.14 11.01 -16.72
CA SER B 148 6.35 10.33 -15.69
C SER B 148 7.06 9.98 -14.38
N ASP B 149 8.39 10.02 -14.35
CA ASP B 149 9.15 9.57 -13.15
C ASP B 149 8.74 8.18 -12.67
N ASP B 150 8.24 7.38 -13.60
CA ASP B 150 8.26 5.93 -13.52
C ASP B 150 9.27 5.56 -14.59
N HIS B 151 9.47 4.27 -14.86
CA HIS B 151 10.46 3.89 -15.88
C HIS B 151 10.14 4.46 -17.27
N GLU B 152 8.88 4.30 -17.68
CA GLU B 152 8.42 4.73 -19.01
C GLU B 152 8.69 6.21 -19.29
N GLY B 153 8.42 7.05 -18.31
CA GLY B 153 8.64 8.49 -18.44
C GLY B 153 10.09 8.80 -18.70
N ARG B 154 10.95 8.46 -17.74
CA ARG B 154 12.38 8.72 -17.83
C ARG B 154 13.03 8.09 -19.07
N ALA B 155 12.44 7.00 -19.57
CA ALA B 155 12.92 6.33 -20.79
C ALA B 155 12.82 7.21 -22.03
N ALA B 156 11.82 8.10 -22.05
CA ALA B 156 11.66 9.05 -23.15
C ALA B 156 12.43 10.36 -22.89
N GLN B 157 12.71 10.64 -21.63
CA GLN B 157 13.54 11.77 -21.24
C GLN B 157 15.00 11.47 -21.57
N LYS B 158 15.49 10.35 -21.04
CA LYS B 158 16.87 9.90 -21.26
C LYS B 158 17.22 9.85 -22.74
N ARG B 159 16.24 9.48 -23.57
CA ARG B 159 16.45 9.42 -25.00
C ARG B 159 16.47 10.80 -25.67
N LEU B 160 15.40 11.58 -25.50
CA LEU B 160 15.32 12.92 -26.09
C LEU B 160 16.54 13.76 -25.73
N GLU B 161 16.98 13.65 -24.49
CA GLU B 161 18.08 14.46 -23.97
C GLU B 161 19.45 14.00 -24.53
N THR B 162 19.52 12.75 -24.96
CA THR B 162 20.72 12.22 -25.61
C THR B 162 20.84 12.81 -27.02
N LEU B 163 19.72 12.90 -27.73
CA LEU B 163 19.68 13.50 -29.07
C LEU B 163 19.92 15.00 -29.00
N LEU B 164 19.49 15.62 -27.90
CA LEU B 164 19.65 17.07 -27.66
C LEU B 164 21.09 17.48 -27.36
N GLU B 165 21.88 16.54 -26.83
CA GLU B 165 23.32 16.70 -26.71
C GLU B 165 23.91 16.79 -28.11
N GLU B 166 25.16 17.27 -28.20
CA GLU B 166 25.84 17.58 -29.48
C GLU B 166 25.13 18.66 -30.34
N ARG B 167 23.99 19.15 -29.88
CA ARG B 167 23.15 20.05 -30.68
C ARG B 167 22.90 21.42 -30.04
N GLU B 168 22.57 22.39 -30.90
CA GLU B 168 22.24 23.76 -30.51
C GLU B 168 21.10 23.78 -29.49
N SER B 169 20.03 23.05 -29.82
CA SER B 169 18.91 22.81 -28.92
C SER B 169 19.39 22.17 -27.63
N LYS B 170 18.95 22.72 -26.50
CA LYS B 170 19.24 22.13 -25.19
C LYS B 170 17.97 21.87 -24.37
N ALA B 171 18.11 21.09 -23.29
CA ALA B 171 16.99 20.59 -22.51
C ALA B 171 16.19 21.64 -21.76
N GLU B 172 16.86 22.74 -21.39
CA GLU B 172 16.31 23.79 -20.52
C GLU B 172 15.99 23.29 -19.10
N LYS B 173 14.76 22.82 -18.86
CA LYS B 173 14.37 22.33 -17.53
C LYS B 173 13.47 21.10 -17.60
N VAL B 174 13.97 19.98 -17.08
CA VAL B 174 13.21 18.74 -17.04
C VAL B 174 12.48 18.61 -15.70
N LEU B 175 11.16 18.46 -15.77
CA LEU B 175 10.31 18.31 -14.59
C LEU B 175 9.64 16.93 -14.59
N GLN B 176 9.40 16.38 -13.40
CA GLN B 176 8.78 15.06 -13.32
C GLN B 176 7.82 14.90 -12.14
N PHE B 177 6.77 14.11 -12.36
CA PHE B 177 5.65 14.00 -11.41
C PHE B 177 5.45 12.56 -10.96
N ASP B 178 4.85 12.37 -9.79
CA ASP B 178 4.53 11.02 -9.32
C ASP B 178 3.39 10.43 -10.13
N PRO B 179 3.61 9.23 -10.70
CA PRO B 179 2.70 8.60 -11.66
C PRO B 179 1.21 8.65 -11.31
N GLY B 180 0.85 8.41 -10.06
CA GLY B 180 -0.57 8.27 -9.73
C GLY B 180 -1.32 9.49 -9.25
N THR B 181 -0.71 10.67 -9.35
CA THR B 181 -1.26 11.86 -8.71
C THR B 181 -2.37 12.55 -9.46
N LYS B 182 -3.37 12.98 -8.70
CA LYS B 182 -4.17 14.15 -9.01
C LYS B 182 -3.32 15.24 -8.39
N ASN B 183 -3.41 16.47 -8.89
CA ASN B 183 -2.66 17.59 -8.30
C ASN B 183 -1.23 17.74 -8.82
N VAL B 184 -1.10 18.20 -10.06
CA VAL B 184 0.21 18.49 -10.64
C VAL B 184 0.34 20.02 -10.71
N THR B 185 -0.22 20.70 -9.71
CA THR B 185 -0.34 22.16 -9.74
C THR B 185 1.02 22.86 -9.55
N ALA B 186 1.65 22.66 -8.39
CA ALA B 186 2.91 23.33 -8.05
C ALA B 186 4.07 23.01 -9.02
N LEU B 187 3.90 21.93 -9.77
CA LEU B 187 4.86 21.46 -10.75
C LEU B 187 4.72 22.26 -12.04
N LEU B 188 3.48 22.41 -12.52
CA LEU B 188 3.18 23.26 -13.66
C LEU B 188 3.37 24.74 -13.33
N MET B 189 3.00 25.10 -12.10
CA MET B 189 3.19 26.44 -11.54
C MET B 189 4.64 26.91 -11.72
N GLU B 190 5.57 25.99 -11.51
CA GLU B 190 6.99 26.24 -11.68
C GLU B 190 7.38 26.34 -13.17
N ALA B 191 6.76 25.50 -13.99
CA ALA B 191 7.01 25.50 -15.44
C ALA B 191 6.48 26.76 -16.11
N ARG B 192 5.38 27.30 -15.61
CA ARG B 192 4.72 28.48 -16.17
C ARG B 192 5.61 29.72 -16.18
N GLU B 193 6.38 29.88 -15.09
CA GLU B 193 7.26 31.04 -14.95
C GLU B 193 8.58 30.88 -15.69
N LEU B 194 8.75 29.75 -16.38
CA LEU B 194 9.97 29.47 -17.11
C LEU B 194 10.08 30.20 -18.45
N GLU B 195 11.26 30.08 -19.06
CA GLU B 195 11.63 30.80 -20.28
C GLU B 195 10.87 30.29 -21.51
N ALA B 196 11.01 28.99 -21.77
CA ALA B 196 10.44 28.37 -22.97
C ALA B 196 8.94 28.20 -22.85
N ARG B 197 8.26 28.05 -23.98
CA ARG B 197 6.85 27.64 -23.96
C ARG B 197 6.46 26.69 -25.09
N VAL B 198 7.34 25.72 -25.32
CA VAL B 198 7.00 24.49 -26.04
C VAL B 198 7.18 23.33 -25.07
N ILE B 199 6.05 22.82 -24.58
CA ILE B 199 6.01 21.75 -23.57
C ILE B 199 5.89 20.36 -24.21
N ILE B 200 6.80 19.46 -23.83
CA ILE B 200 6.74 18.07 -24.26
C ILE B 200 6.31 17.20 -23.08
N LEU B 201 5.34 16.34 -23.31
CA LEU B 201 4.78 15.50 -22.24
C LEU B 201 4.97 14.00 -22.48
N SER B 202 5.22 13.29 -21.38
CA SER B 202 5.23 11.83 -21.37
C SER B 202 4.46 11.38 -20.13
N ALA B 203 3.29 10.79 -20.34
CA ALA B 203 2.42 10.39 -19.24
C ALA B 203 1.45 9.28 -19.65
N SER B 204 0.72 8.75 -18.68
CA SER B 204 -0.36 7.80 -18.99
C SER B 204 -1.57 8.58 -19.50
N GLU B 205 -2.57 7.86 -20.02
CA GLU B 205 -3.81 8.47 -20.50
C GLU B 205 -4.38 9.39 -19.41
N ASP B 206 -4.52 8.83 -18.21
CA ASP B 206 -5.13 9.54 -17.08
C ASP B 206 -4.23 10.62 -16.48
N ASP B 207 -2.92 10.47 -16.63
CA ASP B 207 -1.96 11.45 -16.12
C ASP B 207 -1.80 12.64 -17.05
N ALA B 208 -1.89 12.38 -18.35
CA ALA B 208 -1.90 13.45 -19.32
C ALA B 208 -3.15 14.27 -19.06
N ALA B 209 -4.26 13.57 -18.86
CA ALA B 209 -5.54 14.20 -18.53
C ALA B 209 -5.42 15.15 -17.33
N THR B 210 -4.75 14.70 -16.28
CA THR B 210 -4.58 15.50 -15.06
C THR B 210 -3.73 16.75 -15.26
N VAL B 211 -2.69 16.67 -16.11
CA VAL B 211 -1.88 17.85 -16.39
C VAL B 211 -2.61 18.82 -17.34
N TYR B 212 -3.26 18.29 -18.38
CA TYR B 212 -4.06 19.11 -19.28
C TYR B 212 -5.11 19.87 -18.48
N ARG B 213 -5.75 19.14 -17.57
CA ARG B 213 -6.81 19.68 -16.74
C ARG B 213 -6.27 20.82 -15.89
N ALA B 214 -5.09 20.62 -15.31
CA ALA B 214 -4.48 21.62 -14.44
C ALA B 214 -3.71 22.70 -15.21
N ALA B 215 -3.29 22.40 -16.43
CA ALA B 215 -2.64 23.38 -17.30
C ALA B 215 -3.62 24.48 -17.70
N ALA B 216 -4.82 24.05 -18.12
CA ALA B 216 -5.89 24.98 -18.47
C ALA B 216 -6.31 25.85 -17.29
N MET B 217 -6.31 25.28 -16.09
CA MET B 217 -6.70 26.02 -14.88
C MET B 217 -5.66 27.07 -14.52
N LEU B 218 -4.49 26.98 -15.15
CA LEU B 218 -3.39 27.91 -14.89
C LEU B 218 -3.02 28.73 -16.14
N ASN B 219 -3.88 28.66 -17.16
CA ASN B 219 -3.73 29.43 -18.40
C ASN B 219 -2.41 29.16 -19.14
N MET B 220 -2.06 27.89 -19.25
CA MET B 220 -0.93 27.44 -20.07
C MET B 220 -1.47 26.73 -21.31
N THR B 221 -2.74 26.95 -21.59
CA THR B 221 -3.46 26.14 -22.57
C THR B 221 -3.55 26.81 -23.95
N GLY B 222 -3.41 28.13 -24.01
CA GLY B 222 -3.57 28.87 -25.26
C GLY B 222 -2.43 29.82 -25.62
N SER B 223 -2.61 30.53 -26.75
CA SER B 223 -1.68 31.55 -27.28
C SER B 223 -0.28 31.01 -27.67
N GLY B 224 0.77 31.68 -27.21
CA GLY B 224 2.16 31.40 -27.59
C GLY B 224 2.73 30.03 -27.19
N TYR B 225 1.98 29.30 -26.38
CA TYR B 225 2.34 27.93 -25.98
C TYR B 225 2.22 26.93 -27.14
N VAL B 226 3.16 25.99 -27.19
CA VAL B 226 3.05 24.85 -28.07
C VAL B 226 3.03 23.60 -27.20
N TRP B 227 2.10 22.70 -27.47
CA TRP B 227 2.06 21.44 -26.76
C TRP B 227 2.45 20.31 -27.68
N LEU B 228 3.54 19.63 -27.31
CA LEU B 228 4.04 18.50 -28.06
C LEU B 228 4.01 17.25 -27.17
N VAL B 229 3.22 16.27 -27.59
CA VAL B 229 3.10 14.99 -26.89
C VAL B 229 3.27 13.84 -27.88
N GLY B 230 3.09 12.62 -27.38
CA GLY B 230 3.05 11.46 -28.25
C GLY B 230 1.65 10.88 -28.23
N GLU B 231 1.48 9.73 -28.88
CA GLU B 231 0.27 8.93 -28.76
C GLU B 231 0.11 8.59 -27.29
N ARG B 232 -1.13 8.37 -26.84
CA ARG B 232 -1.36 7.98 -25.45
C ARG B 232 -1.66 9.23 -24.63
N GLU B 233 -0.87 10.27 -24.84
CA GLU B 233 -1.17 11.57 -24.28
C GLU B 233 -2.28 12.25 -25.11
N ILE B 234 -2.68 11.58 -26.19
CA ILE B 234 -3.89 11.91 -26.96
C ILE B 234 -4.76 10.66 -27.20
N SER B 235 -4.79 9.78 -26.21
CA SER B 235 -5.67 8.62 -26.24
C SER B 235 -6.47 8.50 -24.94
N GLY B 236 -7.71 8.03 -25.06
CA GLY B 236 -8.56 7.79 -23.90
C GLY B 236 -9.08 9.07 -23.28
N ASN B 237 -8.97 9.18 -21.96
CA ASN B 237 -9.36 10.39 -21.25
C ASN B 237 -8.48 11.58 -21.60
N ALA B 238 -7.26 11.29 -22.04
CA ALA B 238 -6.31 12.32 -22.45
C ALA B 238 -6.90 13.15 -23.59
N LEU B 239 -7.62 12.49 -24.49
CA LEU B 239 -8.26 13.18 -25.61
C LEU B 239 -9.41 14.04 -25.11
N ARG B 240 -10.14 13.53 -24.13
CA ARG B 240 -11.33 14.18 -23.56
C ARG B 240 -11.04 15.53 -22.87
N TYR B 241 -9.81 15.72 -22.38
CA TYR B 241 -9.44 16.94 -21.65
C TYR B 241 -8.28 17.70 -22.29
N ALA B 242 -7.87 17.29 -23.48
CA ALA B 242 -6.73 17.89 -24.18
C ALA B 242 -7.01 19.33 -24.62
N PRO B 243 -5.98 20.19 -24.59
CA PRO B 243 -6.08 21.55 -25.14
C PRO B 243 -6.17 21.51 -26.66
N ASP B 244 -6.91 22.46 -27.25
CA ASP B 244 -6.97 22.58 -28.70
C ASP B 244 -5.62 22.99 -29.26
N GLY B 245 -5.21 22.38 -30.37
CA GLY B 245 -3.93 22.69 -31.00
C GLY B 245 -2.72 21.90 -30.50
N ILE B 246 -2.98 20.88 -29.70
CA ILE B 246 -1.92 19.99 -29.23
C ILE B 246 -1.46 19.10 -30.37
N ILE B 247 -0.17 18.78 -30.39
CA ILE B 247 0.40 17.89 -31.40
C ILE B 247 0.82 16.58 -30.75
N GLY B 248 0.13 15.51 -31.13
CA GLY B 248 0.47 14.17 -30.68
C GLY B 248 0.86 13.31 -31.86
N LEU B 249 0.99 12.01 -31.63
CA LEU B 249 1.32 11.07 -32.68
C LEU B 249 0.38 9.86 -32.62
N GLN B 250 0.51 8.98 -33.61
CA GLN B 250 -0.21 7.71 -33.63
C GLN B 250 0.56 6.73 -34.49
N LEU B 251 0.87 5.56 -33.95
CA LEU B 251 1.59 4.55 -34.71
C LEU B 251 0.67 3.88 -35.71
N ILE B 252 0.93 4.12 -36.99
CA ILE B 252 0.14 3.53 -38.07
C ILE B 252 0.28 2.02 -38.02
N ASN B 253 -0.86 1.34 -37.93
CA ASN B 253 -0.96 -0.12 -37.76
C ASN B 253 -0.70 -0.63 -36.34
N GLY B 254 -0.61 0.30 -35.39
CA GLY B 254 -0.33 -0.01 -33.98
C GLY B 254 -1.32 -0.95 -33.31
N LYS B 255 -2.61 -0.75 -33.60
CA LYS B 255 -3.65 -1.53 -32.93
C LYS B 255 -4.23 -2.57 -33.89
N ASN B 256 -3.66 -2.60 -35.10
CA ASN B 256 -4.07 -3.48 -36.19
C ASN B 256 -3.44 -4.85 -35.98
N GLU B 257 -4.09 -5.66 -35.14
CA GLU B 257 -3.49 -6.91 -34.67
C GLU B 257 -3.32 -7.95 -35.77
N SER B 258 -4.30 -8.02 -36.67
CA SER B 258 -4.25 -8.96 -37.80
C SER B 258 -3.05 -8.70 -38.72
N ALA B 259 -2.60 -7.45 -38.78
CA ALA B 259 -1.42 -7.11 -39.56
C ALA B 259 -0.16 -7.67 -38.91
N HIS B 260 -0.01 -7.45 -37.62
CA HIS B 260 1.20 -7.84 -36.90
C HIS B 260 1.32 -9.36 -36.70
N ILE B 261 0.20 -10.07 -36.70
CA ILE B 261 0.22 -11.53 -36.71
C ILE B 261 0.79 -11.98 -38.05
N SER B 262 0.41 -11.29 -39.11
CA SER B 262 0.86 -11.58 -40.47
C SER B 262 2.36 -11.32 -40.67
N ASP B 263 2.84 -10.17 -40.19
CA ASP B 263 4.26 -9.82 -40.31
C ASP B 263 5.19 -10.59 -39.38
N ALA B 264 4.72 -10.89 -38.16
CA ALA B 264 5.55 -11.63 -37.21
C ALA B 264 5.73 -13.08 -37.64
N VAL B 265 4.69 -13.68 -38.21
CA VAL B 265 4.80 -15.02 -38.80
C VAL B 265 5.70 -14.94 -40.02
N GLY B 266 5.69 -13.77 -40.67
CA GLY B 266 6.58 -13.47 -41.78
C GLY B 266 8.06 -13.64 -41.42
N VAL B 267 8.54 -12.87 -40.45
CA VAL B 267 9.95 -12.91 -40.04
C VAL B 267 10.34 -14.22 -39.37
N VAL B 268 9.44 -14.81 -38.58
CA VAL B 268 9.73 -16.04 -37.85
C VAL B 268 9.90 -17.22 -38.81
N ALA B 269 8.99 -17.37 -39.75
CA ALA B 269 9.11 -18.36 -40.82
C ALA B 269 10.42 -18.16 -41.54
N GLN B 270 10.64 -16.93 -42.00
CA GLN B 270 11.83 -16.53 -42.73
C GLN B 270 13.12 -16.83 -41.95
N ALA B 271 13.08 -16.65 -40.64
CA ALA B 271 14.27 -16.86 -39.78
C ALA B 271 14.42 -18.30 -39.29
N VAL B 272 13.36 -19.09 -39.33
CA VAL B 272 13.42 -20.51 -38.98
C VAL B 272 14.20 -21.27 -40.06
N HIS B 273 13.90 -20.97 -41.33
CA HIS B 273 14.63 -21.54 -42.47
C HIS B 273 16.10 -21.14 -42.41
N GLU B 274 16.34 -19.86 -42.17
CA GLU B 274 17.68 -19.31 -41.92
C GLU B 274 18.43 -20.06 -40.82
N LEU B 275 17.71 -20.42 -39.76
CA LEU B 275 18.29 -21.10 -38.62
C LEU B 275 18.63 -22.55 -38.95
N LEU B 276 17.64 -23.30 -39.44
CA LEU B 276 17.83 -24.72 -39.74
C LEU B 276 18.72 -24.98 -40.96
N GLU B 277 19.49 -23.96 -41.33
CA GLU B 277 20.52 -24.07 -42.35
C GLU B 277 21.88 -24.34 -41.69
N LYS B 278 22.06 -23.81 -40.47
CA LYS B 278 23.32 -23.88 -39.71
C LYS B 278 23.73 -25.33 -39.36
N GLU B 279 22.74 -26.22 -39.27
CA GLU B 279 22.93 -27.68 -39.11
C GLU B 279 23.76 -28.13 -37.88
N ASN B 280 24.10 -27.19 -37.01
CA ASN B 280 24.73 -27.50 -35.72
C ASN B 280 23.81 -27.10 -34.56
N ILE B 281 22.50 -27.26 -34.78
CA ILE B 281 21.49 -26.78 -33.83
C ILE B 281 20.81 -27.89 -33.03
N THR B 282 20.33 -27.53 -31.84
CA THR B 282 19.55 -28.45 -30.99
C THR B 282 18.06 -28.18 -31.15
N ASP B 283 17.24 -29.16 -30.81
CA ASP B 283 15.79 -28.97 -30.79
C ASP B 283 15.38 -28.28 -29.48
N PRO B 284 14.31 -27.45 -29.52
CA PRO B 284 13.86 -26.72 -28.33
C PRO B 284 13.26 -27.63 -27.27
N PRO B 285 13.32 -27.23 -26.00
CA PRO B 285 12.86 -28.13 -24.95
C PRO B 285 11.34 -28.24 -24.93
N ARG B 286 10.85 -29.46 -24.75
CA ARG B 286 9.42 -29.72 -24.57
C ARG B 286 9.05 -29.70 -23.09
N GLY B 287 9.96 -29.13 -22.29
CA GLY B 287 9.96 -29.22 -20.83
C GLY B 287 8.89 -28.46 -20.08
N CYS B 288 9.34 -27.46 -19.31
CA CYS B 288 8.53 -26.86 -18.24
C CYS B 288 8.01 -27.97 -17.33
N VAL B 289 8.93 -28.73 -16.74
CA VAL B 289 8.63 -29.74 -15.69
C VAL B 289 9.92 -30.37 -15.22
N GLY B 290 10.49 -29.83 -14.15
CA GLY B 290 11.79 -30.28 -13.65
C GLY B 290 12.86 -30.18 -14.73
N ASN B 291 12.64 -29.29 -15.69
CA ASN B 291 13.62 -29.01 -16.73
C ASN B 291 14.22 -27.65 -16.43
N THR B 292 15.45 -27.66 -15.95
CA THR B 292 16.10 -26.45 -15.45
C THR B 292 17.21 -25.97 -16.38
N ASN B 293 17.33 -26.59 -17.54
CA ASN B 293 18.33 -26.14 -18.51
C ASN B 293 17.72 -25.49 -19.74
N ILE B 294 18.44 -24.48 -20.25
CA ILE B 294 18.08 -23.79 -21.48
C ILE B 294 18.32 -24.68 -22.69
N TRP B 295 17.83 -24.28 -23.87
CA TRP B 295 18.35 -24.89 -25.08
C TRP B 295 19.46 -24.02 -25.66
N LYS B 296 20.56 -24.66 -26.03
CA LYS B 296 21.82 -23.98 -26.34
C LYS B 296 21.71 -23.05 -27.55
N THR B 297 20.93 -23.46 -28.55
CA THR B 297 20.74 -22.66 -29.75
C THR B 297 19.58 -21.66 -29.60
N GLY B 298 19.24 -21.36 -28.35
CA GLY B 298 18.24 -20.35 -28.02
C GLY B 298 18.63 -18.98 -28.53
N PRO B 299 19.59 -18.31 -27.85
CA PRO B 299 20.01 -16.95 -28.21
C PRO B 299 20.47 -16.82 -29.66
N LEU B 300 20.98 -17.91 -30.24
CA LEU B 300 21.37 -17.92 -31.64
C LEU B 300 20.18 -17.59 -32.52
N PHE B 301 19.07 -18.30 -32.29
CA PHE B 301 17.83 -18.08 -33.02
C PHE B 301 17.32 -16.66 -32.81
N LYS B 302 17.50 -16.15 -31.59
CA LYS B 302 17.11 -14.79 -31.24
C LYS B 302 17.95 -13.75 -31.98
N ARG B 303 19.25 -14.02 -32.17
CA ARG B 303 20.13 -13.11 -32.90
C ARG B 303 19.81 -13.10 -34.39
N VAL B 304 19.53 -14.29 -34.94
CA VAL B 304 19.10 -14.43 -36.34
C VAL B 304 17.74 -13.75 -36.53
N LEU B 305 16.89 -13.88 -35.50
CA LEU B 305 15.57 -13.27 -35.48
C LEU B 305 15.65 -11.75 -35.61
N MET B 306 16.43 -11.10 -34.75
CA MET B 306 16.49 -9.63 -34.70
C MET B 306 17.50 -8.98 -35.66
N SER B 307 18.26 -9.82 -36.37
CA SER B 307 19.11 -9.34 -37.46
C SER B 307 18.50 -9.68 -38.83
N SER B 308 17.32 -10.29 -38.80
CA SER B 308 16.55 -10.57 -40.02
C SER B 308 16.09 -9.29 -40.67
N LYS B 309 16.03 -9.31 -42.00
CA LYS B 309 15.53 -8.20 -42.79
C LYS B 309 14.37 -8.72 -43.63
N TYR B 310 13.25 -8.00 -43.62
CA TYR B 310 12.02 -8.48 -44.24
C TYR B 310 11.16 -7.31 -44.72
N ALA B 311 11.37 -6.92 -45.99
CA ALA B 311 10.53 -5.91 -46.64
C ALA B 311 9.26 -6.55 -47.18
N ASP B 312 8.39 -5.73 -47.76
CA ASP B 312 7.08 -6.16 -48.31
C ASP B 312 6.09 -6.57 -47.21
N GLY B 313 6.43 -6.26 -45.96
CA GLY B 313 5.56 -6.57 -44.82
C GLY B 313 4.30 -5.74 -44.87
N VAL B 314 3.21 -6.25 -44.29
CA VAL B 314 1.93 -5.53 -44.32
C VAL B 314 1.93 -4.29 -43.40
N THR B 315 2.89 -4.24 -42.47
CA THR B 315 3.21 -3.03 -41.72
C THR B 315 4.43 -2.35 -42.34
N GLY B 316 4.95 -2.95 -43.40
CA GLY B 316 5.91 -2.33 -44.30
C GLY B 316 7.33 -2.25 -43.82
N ARG B 317 8.19 -3.07 -44.41
CA ARG B 317 9.63 -3.05 -44.14
C ARG B 317 9.92 -3.28 -42.65
N VAL B 318 9.75 -4.53 -42.23
CA VAL B 318 9.98 -4.89 -40.83
C VAL B 318 11.38 -5.46 -40.61
N GLU B 319 12.21 -4.67 -39.92
CA GLU B 319 13.49 -5.15 -39.40
C GLU B 319 13.68 -4.60 -37.98
N PHE B 320 14.59 -5.22 -37.23
CA PHE B 320 14.65 -4.98 -35.79
C PHE B 320 15.85 -4.18 -35.29
N ASN B 321 15.80 -3.87 -34.00
CA ASN B 321 16.73 -2.97 -33.33
C ASN B 321 18.03 -3.63 -32.93
N GLU B 322 18.90 -2.81 -32.33
CA GLU B 322 20.06 -3.24 -31.58
C GLU B 322 19.65 -4.18 -30.44
N ASP B 323 18.45 -3.96 -29.90
CA ASP B 323 17.92 -4.76 -28.78
C ASP B 323 16.44 -5.19 -28.92
N GLY B 324 15.99 -5.38 -30.16
CA GLY B 324 14.72 -6.04 -30.43
C GLY B 324 13.48 -5.18 -30.71
N ASP B 325 13.69 -3.88 -30.90
CA ASP B 325 12.59 -2.97 -31.25
C ASP B 325 12.42 -2.86 -32.76
N ARG B 326 11.22 -2.49 -33.20
CA ARG B 326 10.98 -2.27 -34.62
C ARG B 326 11.79 -1.06 -35.10
N LYS B 327 12.44 -1.23 -36.26
CA LYS B 327 13.13 -0.14 -36.93
C LYS B 327 12.26 0.41 -38.06
N PHE B 328 12.40 1.71 -38.31
CA PHE B 328 11.71 2.41 -39.41
C PHE B 328 10.21 2.17 -39.40
N ALA B 329 9.54 2.74 -38.40
CA ALA B 329 8.10 2.66 -38.26
C ALA B 329 7.45 4.00 -38.57
N ASN B 330 6.21 3.96 -39.05
CA ASN B 330 5.49 5.16 -39.49
C ASN B 330 4.50 5.68 -38.44
N TYR B 331 4.74 6.89 -37.95
CA TYR B 331 3.81 7.57 -37.06
C TYR B 331 3.09 8.66 -37.85
N SER B 332 1.76 8.72 -37.74
CA SER B 332 1.03 9.84 -38.33
C SER B 332 0.92 10.98 -37.32
N ILE B 333 1.48 12.13 -37.66
CA ILE B 333 1.41 13.33 -36.81
C ILE B 333 -0.04 13.81 -36.70
N MET B 334 -0.52 13.96 -35.47
CA MET B 334 -1.90 14.39 -35.23
C MET B 334 -1.97 15.78 -34.62
N ASN B 335 -3.15 16.39 -34.74
CA ASN B 335 -3.40 17.75 -34.29
C ASN B 335 -4.87 17.95 -33.96
N LEU B 336 -5.13 18.48 -32.76
CA LEU B 336 -6.50 18.63 -32.27
C LEU B 336 -7.13 19.95 -32.71
N GLN B 337 -7.94 19.86 -33.77
CA GLN B 337 -8.71 20.99 -34.28
C GLN B 337 -10.18 20.74 -33.99
N ASN B 338 -10.79 21.65 -33.23
CA ASN B 338 -12.21 21.55 -32.83
C ASN B 338 -12.64 20.15 -32.36
N ARG B 339 -11.83 19.57 -31.47
CA ARG B 339 -12.03 18.20 -30.92
C ARG B 339 -11.96 17.10 -31.99
N LYS B 340 -11.15 17.31 -33.03
CA LYS B 340 -10.98 16.31 -34.09
C LYS B 340 -9.52 16.14 -34.47
N LEU B 341 -9.03 14.92 -34.30
CA LEU B 341 -7.62 14.61 -34.57
C LEU B 341 -7.39 14.48 -36.07
N VAL B 342 -6.71 15.46 -36.65
CA VAL B 342 -6.49 15.52 -38.09
C VAL B 342 -5.01 15.32 -38.46
N GLN B 343 -4.74 14.43 -39.42
CA GLN B 343 -3.38 14.17 -39.87
C GLN B 343 -2.78 15.39 -40.57
N VAL B 344 -1.84 16.05 -39.90
CA VAL B 344 -1.19 17.24 -40.45
C VAL B 344 0.25 16.96 -40.89
N GLY B 345 0.71 15.74 -40.63
CA GLY B 345 2.06 15.32 -41.03
C GLY B 345 2.22 13.81 -40.97
N ILE B 346 3.42 13.35 -41.33
CA ILE B 346 3.73 11.92 -41.27
C ILE B 346 5.25 11.71 -41.15
N TYR B 347 5.64 10.99 -40.10
CA TYR B 347 7.02 10.62 -39.87
C TYR B 347 7.21 9.16 -40.28
N ASN B 348 8.30 8.90 -40.98
CA ASN B 348 8.64 7.53 -41.38
C ASN B 348 10.15 7.36 -41.27
N GLY B 349 10.60 6.33 -40.55
CA GLY B 349 12.02 6.12 -40.27
C GLY B 349 12.68 7.32 -39.60
N THR B 350 13.18 8.24 -40.42
CA THR B 350 13.50 9.60 -39.99
C THR B 350 12.90 10.63 -40.96
N HIS B 351 12.76 11.86 -40.48
CA HIS B 351 12.23 13.00 -41.26
C HIS B 351 10.71 13.14 -41.24
N VAL B 352 10.27 14.36 -40.93
CA VAL B 352 8.87 14.74 -40.85
C VAL B 352 8.43 15.31 -42.20
N ILE B 353 7.37 14.75 -42.78
CA ILE B 353 6.88 15.23 -44.07
C ILE B 353 5.40 15.68 -44.04
N PRO B 354 5.17 16.97 -43.72
CA PRO B 354 3.82 17.54 -43.60
C PRO B 354 3.07 17.58 -44.92
N ASN B 355 1.75 17.62 -44.86
CA ASN B 355 0.91 17.70 -46.05
C ASN B 355 0.29 19.09 -46.26
N ASP B 356 -0.58 19.20 -47.27
CA ASP B 356 -1.24 20.47 -47.64
C ASP B 356 -2.08 21.07 -46.51
N ARG B 357 -2.76 20.20 -45.76
CA ARG B 357 -3.61 20.59 -44.64
C ARG B 357 -2.81 21.36 -43.57
N LYS B 358 -3.42 22.40 -43.00
CA LYS B 358 -2.71 23.33 -42.12
C LYS B 358 -2.90 23.03 -40.63
N ILE B 359 -1.89 23.40 -39.84
CA ILE B 359 -1.87 23.24 -38.40
C ILE B 359 -2.46 24.45 -37.70
N ILE B 360 -3.39 24.22 -36.79
CA ILE B 360 -3.85 25.24 -35.86
C ILE B 360 -3.02 25.12 -34.58
N TRP B 361 -2.56 26.24 -34.04
CA TRP B 361 -1.72 26.22 -32.84
C TRP B 361 -2.53 26.46 -31.57
N PRO B 362 -1.97 26.06 -30.40
CA PRO B 362 -2.69 26.15 -29.13
C PRO B 362 -3.20 27.55 -28.80
N GLY B 363 -4.52 27.69 -28.78
CA GLY B 363 -5.16 28.98 -28.53
C GLY B 363 -6.05 29.44 -29.69
N GLY B 364 -5.76 28.94 -30.88
CA GLY B 364 -6.51 29.30 -32.08
C GLY B 364 -5.64 29.91 -33.17
N GLU B 365 -4.73 30.82 -32.78
CA GLU B 365 -3.90 31.55 -33.75
C GLU B 365 -3.03 30.64 -34.62
N THR B 366 -3.24 30.73 -35.92
CA THR B 366 -2.41 30.04 -36.91
C THR B 366 -1.08 30.80 -37.09
N GLU B 367 -0.08 30.14 -37.68
CA GLU B 367 1.31 30.62 -37.77
C GLU B 367 2.12 30.27 -36.50
N LYS B 368 3.19 29.48 -36.72
CA LYS B 368 4.06 28.94 -35.66
C LYS B 368 4.47 29.97 -34.58
N PRO B 369 4.20 29.67 -33.30
CA PRO B 369 4.64 30.51 -32.18
C PRO B 369 6.12 30.34 -31.80
N ARG B 370 6.60 31.16 -30.87
CA ARG B 370 7.97 31.03 -30.37
C ARG B 370 7.94 30.51 -28.93
N PRO C 4 -31.16 49.43 36.17
CA PRO C 4 -30.55 48.44 35.27
C PRO C 4 -29.44 49.05 34.39
N LYS C 5 -28.35 48.31 34.20
CA LYS C 5 -27.24 48.75 33.32
C LYS C 5 -27.15 47.92 32.03
N ILE C 6 -27.49 46.64 32.14
CA ILE C 6 -27.51 45.69 31.01
C ILE C 6 -26.11 45.23 30.58
N VAL C 7 -25.81 43.97 30.89
CA VAL C 7 -24.57 43.32 30.43
C VAL C 7 -24.94 41.95 29.83
N ASN C 8 -24.90 41.89 28.50
CA ASN C 8 -25.36 40.71 27.75
C ASN C 8 -24.22 39.86 27.18
N ILE C 9 -24.24 38.57 27.52
CA ILE C 9 -23.19 37.65 27.09
C ILE C 9 -23.66 36.69 26.01
N GLY C 10 -22.79 36.46 25.04
CA GLY C 10 -23.14 35.67 23.88
C GLY C 10 -22.75 34.21 24.00
N ALA C 11 -23.33 33.40 23.12
CA ALA C 11 -23.06 31.97 23.08
C ALA C 11 -23.41 31.40 21.72
N VAL C 12 -22.58 30.45 21.26
CA VAL C 12 -22.98 29.54 20.20
C VAL C 12 -23.10 28.15 20.83
N LEU C 13 -24.27 27.55 20.69
CA LEU C 13 -24.55 26.26 21.31
C LEU C 13 -25.16 25.32 20.28
N SER C 14 -25.07 24.01 20.53
CA SER C 14 -25.43 23.03 19.52
C SER C 14 -26.92 22.88 19.24
N THR C 15 -27.77 23.03 20.26
CA THR C 15 -29.22 22.87 20.09
C THR C 15 -30.03 24.04 20.66
N ARG C 16 -31.35 24.00 20.46
CA ARG C 16 -32.25 24.97 21.08
C ARG C 16 -32.34 24.78 22.59
N LYS C 17 -32.63 23.56 23.02
CA LYS C 17 -32.72 23.27 24.46
C LYS C 17 -31.38 23.45 25.18
N HIS C 18 -30.36 23.84 24.43
CA HIS C 18 -29.10 24.29 25.01
C HIS C 18 -29.09 25.81 25.13
N GLU C 19 -29.69 26.48 24.14
CA GLU C 19 -29.92 27.93 24.23
C GLU C 19 -30.86 28.26 25.37
N GLN C 20 -31.78 27.34 25.65
CA GLN C 20 -32.71 27.46 26.77
C GLN C 20 -31.96 27.28 28.10
N MET C 21 -31.07 26.27 28.14
CA MET C 21 -30.23 26.00 29.30
C MET C 21 -29.32 27.19 29.64
N PHE C 22 -28.77 27.84 28.62
CA PHE C 22 -27.92 29.02 28.79
C PHE C 22 -28.70 30.19 29.37
N ARG C 23 -29.92 30.36 28.88
CA ARG C 23 -30.80 31.46 29.30
C ARG C 23 -31.38 31.21 30.70
N GLU C 24 -31.62 29.94 31.03
CA GLU C 24 -32.03 29.56 32.39
C GLU C 24 -30.87 29.77 33.37
N ALA C 25 -29.67 29.36 32.95
CA ALA C 25 -28.49 29.45 33.80
C ALA C 25 -27.91 30.87 33.90
N VAL C 26 -28.46 31.81 33.13
CA VAL C 26 -27.99 33.20 33.18
C VAL C 26 -28.79 34.04 34.19
N ASN C 27 -30.08 33.79 34.32
CA ASN C 27 -30.87 34.44 35.37
C ASN C 27 -30.71 33.70 36.71
N GLN C 28 -30.12 32.51 36.63
CA GLN C 28 -29.65 31.78 37.80
C GLN C 28 -28.48 32.52 38.46
N ALA C 29 -27.63 33.12 37.62
CA ALA C 29 -26.47 33.89 38.08
C ALA C 29 -26.81 35.35 38.41
N ASN C 30 -27.98 35.80 37.95
CA ASN C 30 -28.46 37.15 38.29
C ASN C 30 -28.87 37.27 39.77
N LYS C 31 -29.37 36.18 40.34
CA LYS C 31 -29.70 36.12 41.77
C LYS C 31 -28.50 36.22 42.70
N ARG C 32 -27.33 35.84 42.21
CA ARG C 32 -26.10 35.83 43.03
C ARG C 32 -25.28 37.11 42.89
N HIS C 33 -25.85 38.13 42.24
CA HIS C 33 -25.14 39.38 41.93
C HIS C 33 -26.01 40.63 42.09
N GLY C 34 -25.44 41.79 41.76
CA GLY C 34 -26.18 43.05 41.80
C GLY C 34 -26.95 43.33 40.51
N SER C 35 -28.16 42.78 40.41
CA SER C 35 -28.98 42.80 39.18
C SER C 35 -29.44 44.18 38.64
N TRP C 36 -29.17 45.25 39.40
CA TRP C 36 -29.50 46.63 38.99
C TRP C 36 -28.37 47.32 38.19
N LYS C 37 -27.18 46.71 38.22
CA LYS C 37 -26.04 47.17 37.40
C LYS C 37 -25.43 46.00 36.62
N ILE C 38 -25.15 44.89 37.32
CA ILE C 38 -24.89 43.60 36.66
C ILE C 38 -26.22 42.91 36.30
N GLN C 39 -26.86 43.46 35.27
CA GLN C 39 -28.07 42.90 34.64
C GLN C 39 -27.66 41.93 33.52
N LEU C 40 -27.62 40.64 33.84
CA LEU C 40 -27.19 39.62 32.88
C LEU C 40 -28.33 39.26 31.91
N ASN C 41 -28.07 39.43 30.61
CA ASN C 41 -29.12 39.29 29.60
C ASN C 41 -29.19 37.95 28.85
N ALA C 42 -28.05 37.47 28.35
CA ALA C 42 -27.98 36.24 27.53
C ALA C 42 -28.61 36.40 26.15
N THR C 43 -27.72 36.52 25.16
CA THR C 43 -28.09 36.61 23.75
C THR C 43 -27.28 35.55 23.00
N SER C 44 -27.98 34.55 22.45
CA SER C 44 -27.29 33.39 21.85
C SER C 44 -27.82 32.98 20.49
N VAL C 45 -27.01 32.21 19.76
CA VAL C 45 -27.36 31.65 18.46
C VAL C 45 -26.86 30.20 18.35
N THR C 46 -27.63 29.35 17.65
CA THR C 46 -27.21 27.97 17.37
C THR C 46 -25.98 27.93 16.48
N HIS C 47 -25.12 26.94 16.71
CA HIS C 47 -23.87 26.79 15.95
C HIS C 47 -24.11 26.60 14.46
N LYS C 48 -23.16 27.09 13.67
CA LYS C 48 -23.15 26.86 12.23
C LYS C 48 -21.84 26.17 11.86
N PRO C 49 -21.91 24.97 11.26
CA PRO C 49 -20.69 24.20 10.99
C PRO C 49 -19.91 24.78 9.82
N ASN C 50 -20.49 25.78 9.16
CA ASN C 50 -19.95 26.30 7.92
C ASN C 50 -18.59 26.99 8.03
N ALA C 51 -18.49 28.01 8.90
CA ALA C 51 -17.23 28.74 9.13
C ALA C 51 -17.09 30.05 8.35
N ILE C 52 -17.84 30.19 7.25
CA ILE C 52 -18.09 31.51 6.67
C ILE C 52 -19.38 32.00 7.31
N GLN C 53 -20.38 31.14 7.34
CA GLN C 53 -21.67 31.46 7.95
C GLN C 53 -21.58 31.47 9.46
N MET C 54 -20.51 30.90 10.01
CA MET C 54 -20.28 30.96 11.45
C MET C 54 -19.69 32.31 11.88
N ALA C 55 -18.77 32.84 11.08
CA ALA C 55 -18.18 34.14 11.32
C ALA C 55 -19.20 35.26 11.15
N LEU C 56 -19.93 35.25 10.04
CA LEU C 56 -20.95 36.25 9.76
C LEU C 56 -22.06 36.24 10.79
N SER C 57 -22.35 35.06 11.35
CA SER C 57 -23.37 34.92 12.39
C SER C 57 -22.94 35.58 13.69
N VAL C 58 -21.64 35.48 13.99
CA VAL C 58 -21.08 36.07 15.21
C VAL C 58 -21.19 37.59 15.18
N CYS C 59 -20.80 38.20 14.06
CA CYS C 59 -20.91 39.65 13.92
C CYS C 59 -22.33 40.17 13.90
N GLU C 60 -23.22 39.46 13.22
CA GLU C 60 -24.57 39.98 12.97
C GLU C 60 -25.58 39.64 14.06
N ASP C 61 -25.29 38.63 14.86
CA ASP C 61 -26.24 38.22 15.89
C ASP C 61 -25.70 38.36 17.30
N LEU C 62 -24.39 38.27 17.47
CA LEU C 62 -23.81 38.37 18.80
C LEU C 62 -23.13 39.72 19.05
N ILE C 63 -22.13 40.09 18.25
CA ILE C 63 -21.47 41.40 18.35
C ILE C 63 -22.44 42.56 18.02
N SER C 64 -23.60 42.23 17.45
CA SER C 64 -24.65 43.21 17.19
C SER C 64 -25.57 43.39 18.39
N SER C 65 -25.01 43.12 19.57
CA SER C 65 -25.73 43.27 20.82
C SER C 65 -24.76 43.60 21.96
N GLN C 66 -23.82 44.52 21.70
CA GLN C 66 -22.81 44.92 22.68
C GLN C 66 -22.48 43.73 23.60
N VAL C 67 -21.89 42.70 23.01
CA VAL C 67 -21.60 41.47 23.73
C VAL C 67 -20.30 41.61 24.54
N TYR C 68 -20.26 40.98 25.71
CA TYR C 68 -19.13 41.09 26.62
C TYR C 68 -18.17 39.90 26.57
N ALA C 69 -18.70 38.73 26.21
CA ALA C 69 -17.91 37.52 26.00
C ALA C 69 -18.74 36.47 25.27
N ILE C 70 -18.12 35.71 24.37
CA ILE C 70 -18.85 34.67 23.63
C ILE C 70 -18.48 33.25 24.07
N LEU C 71 -19.49 32.50 24.53
CA LEU C 71 -19.37 31.07 24.83
C LEU C 71 -19.52 30.27 23.55
N VAL C 72 -18.61 29.32 23.30
CA VAL C 72 -18.61 28.55 22.06
C VAL C 72 -18.73 27.07 22.30
N SER C 73 -19.73 26.46 21.68
CA SER C 73 -19.97 25.03 21.80
C SER C 73 -20.50 24.44 20.50
N HIS C 74 -20.61 23.11 20.45
CA HIS C 74 -20.94 22.36 19.25
C HIS C 74 -21.03 20.88 19.59
N PRO C 75 -21.61 20.07 18.69
CA PRO C 75 -21.61 18.62 18.92
C PRO C 75 -20.18 18.08 19.02
N PRO C 76 -19.91 17.23 20.02
CA PRO C 76 -18.54 16.74 20.29
C PRO C 76 -18.08 15.67 19.29
N THR C 77 -17.81 16.08 18.06
CA THR C 77 -17.40 15.16 17.00
C THR C 77 -16.03 15.58 16.46
N PRO C 78 -15.31 14.64 15.80
CA PRO C 78 -14.04 15.01 15.16
C PRO C 78 -14.22 15.87 13.92
N ASN C 79 -15.47 16.20 13.60
CA ASN C 79 -15.77 17.03 12.43
C ASN C 79 -16.04 18.47 12.85
N ASP C 80 -16.58 18.60 14.06
CA ASP C 80 -16.96 19.89 14.64
C ASP C 80 -15.88 20.60 15.46
N HIS C 81 -14.83 19.86 15.84
CA HIS C 81 -13.82 20.39 16.76
C HIS C 81 -13.06 21.65 16.30
N PHE C 82 -13.36 22.14 15.10
CA PHE C 82 -12.78 23.41 14.62
C PHE C 82 -13.83 24.49 14.39
N THR C 83 -15.09 24.19 14.74
CA THR C 83 -16.19 25.17 14.74
C THR C 83 -15.85 26.45 15.54
N PRO C 84 -15.10 26.33 16.67
CA PRO C 84 -14.71 27.55 17.41
C PRO C 84 -13.83 28.52 16.62
N THR C 85 -13.05 28.01 15.67
CA THR C 85 -12.07 28.82 14.93
C THR C 85 -12.62 30.14 14.35
N PRO C 86 -13.70 30.09 13.52
CA PRO C 86 -14.19 31.35 12.97
C PRO C 86 -14.69 32.31 14.05
N VAL C 87 -15.32 31.78 15.10
CA VAL C 87 -15.76 32.58 16.24
C VAL C 87 -14.56 33.24 16.90
N SER C 88 -13.59 32.41 17.29
CA SER C 88 -12.37 32.87 17.94
C SER C 88 -11.68 34.00 17.19
N TYR C 89 -11.47 33.82 15.88
CA TYR C 89 -10.83 34.82 15.04
C TYR C 89 -11.62 36.13 14.97
N THR C 90 -12.94 36.02 14.76
CA THR C 90 -13.81 37.18 14.55
C THR C 90 -13.98 38.04 15.80
N ALA C 91 -14.37 37.40 16.90
CA ALA C 91 -14.53 38.08 18.18
C ALA C 91 -13.18 38.60 18.69
N GLY C 92 -12.14 37.80 18.50
CA GLY C 92 -10.77 38.20 18.86
C GLY C 92 -10.30 39.46 18.19
N PHE C 93 -10.75 39.68 16.96
CA PHE C 93 -10.46 40.91 16.22
C PHE C 93 -10.75 42.17 17.06
N TYR C 94 -11.72 42.07 17.97
CA TYR C 94 -12.07 43.18 18.84
C TYR C 94 -11.62 42.92 20.29
N ARG C 95 -10.94 41.79 20.51
CA ARG C 95 -10.45 41.35 21.82
C ARG C 95 -11.54 40.88 22.79
N ILE C 96 -12.73 40.61 22.26
CA ILE C 96 -13.79 39.97 23.02
C ILE C 96 -13.38 38.52 23.33
N PRO C 97 -13.33 38.16 24.63
CA PRO C 97 -12.96 36.80 25.06
C PRO C 97 -13.94 35.74 24.57
N VAL C 98 -13.40 34.67 23.99
CA VAL C 98 -14.18 33.52 23.59
C VAL C 98 -13.93 32.39 24.58
N LEU C 99 -15.00 31.79 25.07
CA LEU C 99 -14.90 30.75 26.08
C LEU C 99 -15.33 29.40 25.51
N GLY C 100 -14.34 28.54 25.24
CA GLY C 100 -14.57 27.21 24.67
C GLY C 100 -15.18 26.22 25.66
N LEU C 101 -16.18 25.48 25.22
CA LEU C 101 -16.88 24.55 26.11
C LEU C 101 -16.69 23.08 25.75
N THR C 102 -16.28 22.79 24.52
CA THR C 102 -16.25 21.41 24.03
C THR C 102 -14.95 21.03 23.32
N THR C 103 -14.47 21.92 22.44
CA THR C 103 -13.28 21.65 21.62
C THR C 103 -12.05 21.35 22.48
N ARG C 104 -11.27 20.35 22.09
CA ARG C 104 -10.04 19.98 22.80
C ARG C 104 -8.80 20.09 21.89
N MET C 105 -8.94 20.70 20.73
CA MET C 105 -7.81 20.80 19.80
C MET C 105 -6.76 21.74 20.37
N SER C 106 -5.48 21.39 20.19
CA SER C 106 -4.40 22.10 20.87
C SER C 106 -3.94 23.42 20.23
N ILE C 107 -4.45 23.73 19.04
CA ILE C 107 -4.08 24.95 18.35
C ILE C 107 -4.56 26.20 19.09
N TYR C 108 -5.63 26.05 19.86
CA TYR C 108 -6.20 27.19 20.60
C TYR C 108 -5.31 27.60 21.77
N SER C 109 -4.57 26.62 22.31
CA SER C 109 -3.63 26.83 23.41
C SER C 109 -2.38 27.56 22.97
N ASP C 110 -2.00 27.38 21.70
CA ASP C 110 -0.77 27.94 21.16
C ASP C 110 -0.64 29.43 21.48
N LYS C 111 0.55 29.81 21.94
CA LYS C 111 0.93 31.21 22.11
C LYS C 111 1.28 31.75 20.74
N SER C 112 0.81 32.97 20.43
CA SER C 112 0.96 33.62 19.12
C SER C 112 -0.27 33.52 18.21
N ILE C 113 -1.28 32.78 18.65
CA ILE C 113 -2.51 32.63 17.87
C ILE C 113 -3.70 32.41 18.81
N HIS C 114 -4.91 32.80 18.35
CA HIS C 114 -6.15 32.68 19.15
C HIS C 114 -5.97 33.23 20.56
N LEU C 115 -5.43 34.45 20.67
CA LEU C 115 -5.05 35.01 21.96
C LEU C 115 -6.22 35.61 22.72
N SER C 116 -7.42 35.50 22.15
CA SER C 116 -8.64 35.96 22.79
C SER C 116 -9.45 34.74 23.26
N PHE C 117 -8.84 33.56 23.15
CA PHE C 117 -9.53 32.29 23.40
C PHE C 117 -9.14 31.62 24.71
N LEU C 118 -10.12 31.02 25.35
CA LEU C 118 -9.93 30.28 26.58
C LEU C 118 -11.09 29.31 26.81
N ARG C 119 -10.82 28.19 27.50
CA ARG C 119 -11.82 27.12 27.62
C ARG C 119 -11.95 26.45 28.99
N THR C 120 -13.11 25.84 29.22
CA THR C 120 -13.37 25.07 30.45
C THR C 120 -12.88 23.62 30.29
N VAL C 121 -12.22 23.36 29.17
CA VAL C 121 -11.81 22.02 28.79
C VAL C 121 -10.33 22.04 28.36
N PRO C 122 -9.55 21.05 28.84
CA PRO C 122 -8.14 20.92 28.47
C PRO C 122 -7.95 20.43 27.04
N PRO C 123 -6.81 20.77 26.41
CA PRO C 123 -6.57 20.23 25.08
C PRO C 123 -6.16 18.75 25.13
N TYR C 124 -5.87 18.16 23.98
CA TYR C 124 -5.39 16.78 23.93
C TYR C 124 -3.91 16.69 24.28
N SER C 125 -3.16 17.76 24.00
CA SER C 125 -1.73 17.81 24.32
C SER C 125 -1.52 17.67 25.82
N HIS C 126 -2.51 18.13 26.60
CA HIS C 126 -2.47 18.02 28.05
C HIS C 126 -2.70 16.60 28.55
N GLN C 127 -2.97 15.66 27.64
CA GLN C 127 -3.13 14.26 28.01
C GLN C 127 -1.79 13.63 28.39
N SER C 128 -0.70 14.25 27.95
CA SER C 128 0.65 13.78 28.22
C SER C 128 1.09 13.96 29.69
N SER C 129 0.42 14.87 30.40
CA SER C 129 0.60 15.00 31.86
C SER C 129 0.09 13.75 32.57
N VAL C 130 -1.01 13.19 32.08
CA VAL C 130 -1.56 11.94 32.62
C VAL C 130 -0.60 10.79 32.35
N TRP C 131 -0.04 10.77 31.14
CA TRP C 131 0.90 9.74 30.70
C TRP C 131 2.17 9.75 31.54
N PHE C 132 2.69 10.93 31.83
CA PHE C 132 3.93 11.08 32.61
C PHE C 132 3.78 10.46 34.00
N GLU C 133 2.65 10.71 34.65
CA GLU C 133 2.32 10.11 35.94
C GLU C 133 2.00 8.62 35.79
N MET C 134 1.52 8.27 34.59
CA MET C 134 1.23 6.89 34.23
C MET C 134 2.53 6.10 34.10
N MET C 135 3.62 6.82 33.78
CA MET C 135 4.94 6.22 33.66
C MET C 135 5.62 6.02 35.00
N ARG C 136 5.25 6.83 36.00
CA ARG C 136 5.81 6.69 37.36
C ARG C 136 5.15 5.54 38.13
N VAL C 137 3.83 5.45 38.06
CA VAL C 137 3.15 4.22 38.46
C VAL C 137 3.40 3.28 37.29
N TYR C 138 3.29 1.97 37.54
CA TYR C 138 3.46 0.95 36.48
C TYR C 138 4.90 0.79 35.92
N ASN C 139 5.73 1.82 36.10
CA ASN C 139 7.20 1.75 35.90
C ASN C 139 7.73 1.38 34.53
N TRP C 140 7.52 2.24 33.55
CA TRP C 140 8.21 2.09 32.28
C TRP C 140 8.88 3.40 31.88
N ASN C 141 10.18 3.30 31.63
CA ASN C 141 11.00 4.47 31.30
C ASN C 141 11.46 4.41 29.84
N HIS C 142 11.30 3.23 29.25
CA HIS C 142 11.60 3.02 27.84
C HIS C 142 10.28 2.99 27.07
N ILE C 143 10.06 4.02 26.25
CA ILE C 143 8.86 4.15 25.42
C ILE C 143 9.17 4.54 23.98
N ILE C 144 8.24 4.21 23.08
CA ILE C 144 8.23 4.75 21.71
C ILE C 144 7.04 5.69 21.60
N LEU C 145 7.30 6.90 21.11
CA LEU C 145 6.25 7.90 20.92
C LEU C 145 5.88 7.96 19.45
N LEU C 146 4.57 7.92 19.19
CA LEU C 146 4.05 7.80 17.83
C LEU C 146 2.94 8.83 17.56
N VAL C 147 3.30 9.94 16.93
CA VAL C 147 2.42 11.09 16.80
C VAL C 147 2.02 11.38 15.37
N SER C 148 0.85 12.01 15.19
CA SER C 148 0.43 12.52 13.89
C SER C 148 1.23 13.78 13.55
N ASP C 149 1.76 13.85 12.33
CA ASP C 149 2.65 14.96 11.94
C ASP C 149 1.89 16.22 11.54
N ASP C 150 1.07 16.69 12.48
CA ASP C 150 0.40 17.98 12.39
C ASP C 150 0.54 18.63 13.75
N HIS C 151 0.08 19.87 13.88
CA HIS C 151 0.21 20.61 15.14
C HIS C 151 -0.28 19.82 16.35
N GLU C 152 -1.49 19.26 16.25
CA GLU C 152 -2.12 18.53 17.35
C GLU C 152 -1.30 17.34 17.87
N GLY C 153 -0.70 16.58 16.95
CA GLY C 153 0.16 15.45 17.31
C GLY C 153 1.49 15.86 17.92
N ARG C 154 2.19 16.77 17.25
CA ARG C 154 3.43 17.34 17.76
C ARG C 154 3.23 18.03 19.12
N ALA C 155 2.06 18.64 19.31
CA ALA C 155 1.73 19.30 20.57
C ALA C 155 1.74 18.36 21.77
N ALA C 156 1.31 17.12 21.56
CA ALA C 156 1.37 16.08 22.59
C ALA C 156 2.78 15.49 22.72
N GLN C 157 3.53 15.50 21.62
CA GLN C 157 4.93 15.06 21.60
C GLN C 157 5.84 16.02 22.36
N LYS C 158 5.65 17.33 22.12
CA LYS C 158 6.41 18.38 22.81
C LYS C 158 6.23 18.29 24.33
N ARG C 159 4.98 18.29 24.78
CA ARG C 159 4.67 18.35 26.21
C ARG C 159 5.22 17.15 27.00
N LEU C 160 5.17 15.96 26.40
CA LEU C 160 5.73 14.77 27.06
C LEU C 160 7.26 14.76 27.05
N GLU C 161 7.85 15.24 25.96
CA GLU C 161 9.31 15.36 25.88
C GLU C 161 9.84 16.42 26.83
N THR C 162 9.05 17.46 27.06
CA THR C 162 9.34 18.50 28.06
C THR C 162 9.40 17.88 29.45
N LEU C 163 8.38 17.10 29.79
CA LEU C 163 8.30 16.48 31.11
C LEU C 163 9.32 15.37 31.32
N LEU C 164 9.77 14.76 30.23
CA LEU C 164 10.80 13.72 30.29
C LEU C 164 12.23 14.27 30.40
N GLU C 165 12.41 15.51 29.98
CA GLU C 165 13.72 16.18 30.10
C GLU C 165 14.13 16.32 31.56
N GLU C 166 13.22 16.80 32.41
CA GLU C 166 13.47 16.95 33.84
C GLU C 166 13.68 15.62 34.60
N ARG C 167 13.69 14.52 33.86
CA ARG C 167 13.95 13.21 34.47
C ARG C 167 15.24 12.58 33.96
N GLU C 168 15.52 11.40 34.49
CA GLU C 168 16.57 10.53 33.97
C GLU C 168 16.10 9.93 32.63
N SER C 169 14.79 10.06 32.36
CA SER C 169 14.13 9.41 31.23
C SER C 169 14.16 10.20 29.91
N LYS C 170 13.76 9.48 28.86
CA LYS C 170 13.73 9.97 27.47
C LYS C 170 13.03 8.89 26.64
N ALA C 171 12.35 9.31 25.58
CA ALA C 171 11.72 8.38 24.65
C ALA C 171 12.79 7.73 23.78
N GLU C 172 12.76 6.40 23.67
CA GLU C 172 13.76 5.67 22.88
C GLU C 172 13.77 6.12 21.43
N LYS C 173 12.58 6.47 20.94
CA LYS C 173 12.43 7.05 19.60
C LYS C 173 11.07 7.73 19.48
N VAL C 174 11.05 8.85 18.78
CA VAL C 174 9.81 9.51 18.37
C VAL C 174 9.58 9.22 16.90
N LEU C 175 8.33 8.89 16.55
CA LEU C 175 7.98 8.61 15.16
C LEU C 175 6.74 9.40 14.78
N GLN C 176 6.83 10.16 13.69
CA GLN C 176 5.73 10.99 13.26
C GLN C 176 5.21 10.56 11.90
N PHE C 177 3.90 10.31 11.84
CA PHE C 177 3.28 9.80 10.62
C PHE C 177 2.45 10.84 9.88
N ASP C 178 2.39 10.67 8.56
CA ASP C 178 1.64 11.55 7.66
C ASP C 178 0.15 11.49 8.00
N PRO C 179 -0.44 12.65 8.41
CA PRO C 179 -1.81 12.72 8.91
C PRO C 179 -2.85 11.99 8.06
N GLY C 180 -2.79 12.14 6.75
CA GLY C 180 -3.70 11.43 5.87
C GLY C 180 -3.51 9.92 5.84
N THR C 181 -2.32 9.49 5.42
CA THR C 181 -2.04 8.12 4.93
C THR C 181 -2.86 6.96 5.49
N LYS C 182 -3.21 6.05 4.59
CA LYS C 182 -3.87 4.81 4.94
C LYS C 182 -2.83 3.69 4.98
N ASN C 183 -1.55 4.08 5.09
CA ASN C 183 -0.43 3.14 5.13
C ASN C 183 0.67 3.60 6.10
N VAL C 184 0.86 2.79 7.14
CA VAL C 184 1.86 3.07 8.18
C VAL C 184 2.77 1.87 8.38
N THR C 185 2.64 0.86 7.52
CA THR C 185 3.47 -0.35 7.60
C THR C 185 4.96 0.00 7.60
N ALA C 186 5.34 0.95 6.74
CA ALA C 186 6.73 1.40 6.63
C ALA C 186 7.31 1.71 8.01
N LEU C 187 6.61 2.58 8.73
CA LEU C 187 7.05 3.09 10.02
C LEU C 187 6.91 2.06 11.14
N LEU C 188 5.75 1.41 11.24
CA LEU C 188 5.48 0.42 12.29
C LEU C 188 6.47 -0.75 12.32
N MET C 189 7.06 -1.07 11.17
CA MET C 189 8.07 -2.13 11.08
C MET C 189 9.42 -1.69 11.63
N GLU C 190 9.65 -0.38 11.63
CA GLU C 190 10.85 0.20 12.21
C GLU C 190 10.72 0.27 13.73
N ALA C 191 9.52 0.62 14.18
CA ALA C 191 9.17 0.64 15.61
C ALA C 191 9.26 -0.75 16.25
N ARG C 192 9.10 -1.78 15.43
CA ARG C 192 9.05 -3.17 15.90
C ARG C 192 10.39 -3.69 16.39
N GLU C 193 11.45 -3.27 15.72
CA GLU C 193 12.78 -3.80 15.98
C GLU C 193 13.46 -3.09 17.16
N LEU C 194 12.81 -2.05 17.67
CA LEU C 194 13.33 -1.28 18.79
C LEU C 194 13.22 -2.03 20.12
N GLU C 195 13.89 -1.51 21.14
CA GLU C 195 13.97 -2.12 22.46
C GLU C 195 12.64 -2.12 23.21
N ALA C 196 12.03 -0.94 23.30
CA ALA C 196 10.78 -0.75 24.06
C ALA C 196 9.61 -1.54 23.50
N ARG C 197 8.68 -1.91 24.37
CA ARG C 197 7.42 -2.53 23.95
C ARG C 197 6.24 -1.75 24.53
N VAL C 198 6.45 -0.45 24.76
CA VAL C 198 5.40 0.45 25.22
C VAL C 198 5.20 1.55 24.19
N ILE C 199 4.03 1.57 23.57
CA ILE C 199 3.74 2.52 22.51
C ILE C 199 2.72 3.56 22.95
N ILE C 200 3.08 4.82 22.77
CA ILE C 200 2.20 5.95 23.09
C ILE C 200 1.80 6.68 21.80
N LEU C 201 0.49 6.76 21.55
CA LEU C 201 -0.02 7.23 20.28
C LEU C 201 -0.83 8.52 20.39
N SER C 202 -0.54 9.45 19.48
CA SER C 202 -1.31 10.67 19.36
C SER C 202 -1.82 10.80 17.93
N ALA C 203 -3.09 10.42 17.73
CA ALA C 203 -3.72 10.42 16.42
C ALA C 203 -5.22 10.66 16.54
N SER C 204 -5.88 10.91 15.41
CA SER C 204 -7.34 10.97 15.38
C SER C 204 -7.92 9.56 15.31
N GLU C 205 -9.22 9.42 15.54
CA GLU C 205 -9.87 8.11 15.51
C GLU C 205 -9.55 7.34 14.23
N ASP C 206 -9.57 8.04 13.09
CA ASP C 206 -9.28 7.40 11.81
C ASP C 206 -7.83 6.90 11.66
N ASP C 207 -6.87 7.75 11.97
CA ASP C 207 -5.45 7.38 11.89
C ASP C 207 -5.06 6.36 12.96
N ALA C 208 -5.71 6.44 14.11
CA ALA C 208 -5.51 5.45 15.17
C ALA C 208 -5.96 4.08 14.66
N ALA C 209 -7.15 4.03 14.07
CA ALA C 209 -7.67 2.78 13.51
C ALA C 209 -6.69 2.19 12.50
N THR C 210 -6.07 3.05 11.70
CA THR C 210 -5.12 2.65 10.67
C THR C 210 -3.86 2.01 11.25
N VAL C 211 -3.38 2.54 12.37
CA VAL C 211 -2.18 2.02 13.02
C VAL C 211 -2.50 0.83 13.93
N TYR C 212 -3.76 0.69 14.32
CA TYR C 212 -4.18 -0.47 15.11
C TYR C 212 -4.22 -1.71 14.25
N ARG C 213 -4.82 -1.60 13.07
CA ARG C 213 -4.92 -2.73 12.15
C ARG C 213 -3.57 -3.01 11.52
N ALA C 214 -2.76 -1.97 11.33
CA ALA C 214 -1.39 -2.13 10.88
C ALA C 214 -0.59 -2.92 11.91
N ALA C 215 -0.81 -2.61 13.19
CA ALA C 215 -0.15 -3.31 14.29
C ALA C 215 -0.59 -4.77 14.36
N ALA C 216 -1.90 -5.00 14.30
CA ALA C 216 -2.47 -6.35 14.37
C ALA C 216 -1.94 -7.26 13.26
N MET C 217 -1.60 -6.65 12.13
CA MET C 217 -1.05 -7.34 10.97
C MET C 217 0.39 -7.81 11.22
N LEU C 218 1.01 -7.24 12.25
CA LEU C 218 2.42 -7.47 12.52
C LEU C 218 2.66 -8.07 13.91
N ASN C 219 1.69 -8.84 14.40
CA ASN C 219 1.76 -9.50 15.72
C ASN C 219 2.39 -8.55 16.75
N MET C 220 1.98 -7.29 16.66
CA MET C 220 2.52 -6.22 17.45
C MET C 220 1.39 -5.70 18.33
N THR C 221 0.42 -6.58 18.56
CA THR C 221 -0.80 -6.23 19.25
C THR C 221 -0.91 -6.99 20.58
N GLY C 222 -0.15 -8.09 20.69
CA GLY C 222 -0.31 -9.03 21.80
C GLY C 222 0.71 -9.00 22.92
N SER C 223 1.02 -10.19 23.44
CA SER C 223 1.80 -10.39 24.66
C SER C 223 3.17 -9.71 24.68
N GLY C 224 3.47 -9.04 25.79
CA GLY C 224 4.72 -8.30 25.95
C GLY C 224 4.56 -6.82 25.68
N TYR C 225 3.71 -6.47 24.72
CA TYR C 225 3.48 -5.09 24.32
C TYR C 225 2.56 -4.35 25.28
N VAL C 226 2.70 -3.03 25.31
CA VAL C 226 1.80 -2.16 26.07
C VAL C 226 1.36 -1.01 25.17
N TRP C 227 0.05 -0.86 25.01
CA TRP C 227 -0.46 0.30 24.28
C TRP C 227 -1.09 1.30 25.25
N LEU C 228 -0.50 2.51 25.27
CA LEU C 228 -0.95 3.59 26.12
C LEU C 228 -1.27 4.81 25.26
N VAL C 229 -2.55 5.10 25.13
CA VAL C 229 -3.01 6.21 24.29
C VAL C 229 -3.80 7.23 25.12
N GLY C 230 -4.44 8.18 24.44
CA GLY C 230 -5.34 9.13 25.08
C GLY C 230 -6.78 8.84 24.73
N GLU C 231 -7.64 9.84 24.90
CA GLU C 231 -9.01 9.76 24.43
C GLU C 231 -8.96 10.01 22.94
N ARG C 232 -9.95 9.50 22.22
CA ARG C 232 -10.07 9.73 20.77
C ARG C 232 -9.28 8.69 19.99
N GLU C 233 -8.18 8.22 20.56
CA GLU C 233 -7.53 7.02 20.06
C GLU C 233 -8.31 5.79 20.52
N ILE C 234 -9.36 6.01 21.30
CA ILE C 234 -10.27 4.94 21.71
C ILE C 234 -11.74 5.30 21.45
N SER C 235 -11.96 6.27 20.56
CA SER C 235 -13.30 6.74 20.25
C SER C 235 -13.69 6.42 18.80
N GLY C 236 -14.98 6.13 18.59
CA GLY C 236 -15.51 5.84 17.27
C GLY C 236 -14.82 4.65 16.61
N ASN C 237 -14.23 4.88 15.42
CA ASN C 237 -13.55 3.82 14.66
C ASN C 237 -12.29 3.28 15.31
N ALA C 238 -11.58 4.14 16.03
CA ALA C 238 -10.39 3.74 16.77
C ALA C 238 -10.72 2.60 17.73
N LEU C 239 -11.90 2.68 18.34
CA LEU C 239 -12.37 1.65 19.26
C LEU C 239 -12.61 0.29 18.58
N ARG C 240 -13.28 0.30 17.43
CA ARG C 240 -13.57 -0.94 16.71
C ARG C 240 -12.32 -1.73 16.32
N TYR C 241 -11.20 -1.02 16.20
CA TYR C 241 -9.94 -1.61 15.71
C TYR C 241 -8.79 -1.71 16.73
N ALA C 242 -8.98 -1.12 17.91
CA ALA C 242 -7.98 -1.17 18.97
C ALA C 242 -7.85 -2.58 19.55
N PRO C 243 -6.64 -2.95 20.04
CA PRO C 243 -6.42 -4.27 20.63
C PRO C 243 -6.77 -4.31 22.12
N ASP C 244 -7.37 -5.42 22.57
CA ASP C 244 -7.68 -5.59 23.99
C ASP C 244 -6.41 -5.37 24.80
N GLY C 245 -6.54 -4.68 25.94
CA GLY C 245 -5.40 -4.39 26.80
C GLY C 245 -4.86 -2.98 26.61
N ILE C 246 -5.45 -2.25 25.67
CA ILE C 246 -5.08 -0.85 25.46
C ILE C 246 -5.51 0.00 26.66
N ILE C 247 -4.68 0.96 27.03
CA ILE C 247 -5.05 1.95 28.04
C ILE C 247 -5.34 3.28 27.35
N GLY C 248 -6.56 3.77 27.51
CA GLY C 248 -6.98 5.05 26.93
C GLY C 248 -7.47 6.00 28.01
N LEU C 249 -7.72 7.25 27.64
CA LEU C 249 -8.18 8.24 28.59
C LEU C 249 -9.56 8.76 28.19
N GLN C 250 -10.18 9.54 29.07
CA GLN C 250 -11.37 10.32 28.72
C GLN C 250 -11.73 11.34 29.78
N LEU C 251 -11.71 12.61 29.38
CA LEU C 251 -12.00 13.73 30.27
C LEU C 251 -13.41 13.63 30.84
N ILE C 252 -13.52 13.60 32.17
CA ILE C 252 -14.81 13.43 32.83
C ILE C 252 -15.64 14.71 32.73
N ASN C 253 -16.91 14.55 32.39
CA ASN C 253 -17.80 15.64 32.00
C ASN C 253 -17.32 16.37 30.74
N GLY C 254 -16.57 15.64 29.91
CA GLY C 254 -15.97 16.22 28.72
C GLY C 254 -16.97 16.55 27.64
N LYS C 255 -18.14 15.92 27.69
CA LYS C 255 -19.14 16.08 26.63
C LYS C 255 -20.53 16.39 27.21
N ASN C 256 -20.54 17.14 28.32
CA ASN C 256 -21.76 17.42 29.06
C ASN C 256 -22.12 18.92 28.95
N GLU C 257 -22.02 19.45 27.73
CA GLU C 257 -22.42 20.84 27.44
C GLU C 257 -23.21 21.53 28.57
N SER C 258 -24.40 21.01 28.86
CA SER C 258 -25.25 21.49 29.96
C SER C 258 -24.49 21.91 31.24
N ALA C 259 -23.44 21.17 31.59
CA ALA C 259 -22.59 21.47 32.75
C ALA C 259 -21.62 22.59 32.43
N HIS C 260 -20.82 22.39 31.38
CA HIS C 260 -19.88 23.42 30.92
C HIS C 260 -20.56 24.74 30.56
N ILE C 261 -21.88 24.72 30.40
CA ILE C 261 -22.64 25.96 30.26
C ILE C 261 -22.66 26.66 31.62
N SER C 262 -23.30 26.03 32.61
CA SER C 262 -23.47 26.63 33.95
C SER C 262 -22.16 27.11 34.62
N ASP C 263 -21.10 26.30 34.53
CA ASP C 263 -19.79 26.71 35.07
C ASP C 263 -19.27 27.94 34.37
N ALA C 264 -19.42 27.95 33.05
CA ALA C 264 -18.92 29.03 32.23
C ALA C 264 -19.72 30.32 32.45
N VAL C 265 -21.02 30.17 32.72
CA VAL C 265 -21.86 31.33 33.03
C VAL C 265 -21.39 31.91 34.37
N GLY C 266 -21.18 31.03 35.34
CA GLY C 266 -20.74 31.42 36.68
C GLY C 266 -19.35 32.04 36.72
N VAL C 267 -18.46 31.61 35.82
CA VAL C 267 -17.10 32.13 35.77
C VAL C 267 -17.02 33.46 35.01
N VAL C 268 -18.03 33.72 34.18
CA VAL C 268 -18.15 35.00 33.48
C VAL C 268 -18.87 36.02 34.38
N ALA C 269 -19.85 35.53 35.16
CA ALA C 269 -20.54 36.33 36.17
C ALA C 269 -19.57 36.88 37.22
N GLN C 270 -18.70 36.02 37.75
CA GLN C 270 -17.62 36.42 38.66
C GLN C 270 -16.64 37.39 38.00
N ALA C 271 -16.46 37.26 36.68
CA ALA C 271 -15.53 38.08 35.94
C ALA C 271 -16.02 39.52 35.77
N VAL C 272 -17.30 39.70 35.45
CA VAL C 272 -17.86 41.05 35.31
C VAL C 272 -18.01 41.76 36.67
N HIS C 273 -18.33 40.98 37.71
CA HIS C 273 -18.33 41.49 39.07
C HIS C 273 -16.98 42.19 39.34
N GLU C 274 -15.88 41.45 39.16
CA GLU C 274 -14.54 42.00 39.43
C GLU C 274 -14.06 43.04 38.41
N LEU C 275 -14.59 42.97 37.18
CA LEU C 275 -14.22 43.92 36.13
C LEU C 275 -14.82 45.30 36.40
N LEU C 276 -16.02 45.32 36.96
CA LEU C 276 -16.77 46.58 37.17
C LEU C 276 -16.51 47.20 38.55
N GLU C 277 -15.67 46.55 39.35
CA GLU C 277 -15.12 47.14 40.57
C GLU C 277 -13.71 47.68 40.29
N LYS C 278 -13.40 47.75 38.99
CA LYS C 278 -12.17 48.37 38.50
C LYS C 278 -12.55 49.55 37.62
N GLU C 279 -11.62 50.48 37.43
CA GLU C 279 -11.92 51.69 36.68
C GLU C 279 -11.04 51.89 35.44
N ASN C 280 -11.40 52.90 34.64
CA ASN C 280 -10.78 53.17 33.34
C ASN C 280 -11.16 52.09 32.32
N ILE C 281 -12.45 51.77 32.26
CA ILE C 281 -12.96 50.65 31.45
C ILE C 281 -13.90 51.06 30.31
N THR C 282 -13.45 50.85 29.07
CA THR C 282 -14.24 51.14 27.87
C THR C 282 -15.38 50.13 27.63
N ASP C 283 -16.27 50.46 26.69
CA ASP C 283 -17.40 49.60 26.32
C ASP C 283 -17.14 48.77 25.07
N PRO C 284 -17.67 47.53 25.04
CA PRO C 284 -17.55 46.67 23.86
C PRO C 284 -18.40 47.22 22.71
N PRO C 285 -17.94 47.03 21.45
CA PRO C 285 -18.68 47.59 20.31
C PRO C 285 -20.08 47.00 20.19
N ARG C 286 -21.02 47.76 19.63
CA ARG C 286 -22.39 47.27 19.40
C ARG C 286 -22.57 46.87 17.93
N GLY C 287 -21.53 47.12 17.12
CA GLY C 287 -21.56 46.77 15.70
C GLY C 287 -20.19 46.39 15.16
N CYS C 288 -20.20 45.51 14.16
CA CYS C 288 -18.97 45.14 13.45
C CYS C 288 -18.71 46.12 12.31
N VAL C 289 -19.78 46.47 11.58
CA VAL C 289 -19.69 47.27 10.36
C VAL C 289 -18.87 48.55 10.53
N GLY C 290 -17.80 48.64 9.75
CA GLY C 290 -16.91 49.81 9.75
C GLY C 290 -16.28 50.17 11.08
N ASN C 291 -16.41 49.28 12.07
CA ASN C 291 -15.75 49.46 13.36
C ASN C 291 -14.39 48.77 13.32
N THR C 292 -13.33 49.56 13.44
CA THR C 292 -11.95 49.08 13.31
C THR C 292 -11.24 49.03 14.66
N ASN C 293 -11.70 49.84 15.61
CA ASN C 293 -11.11 49.85 16.95
C ASN C 293 -11.50 48.64 17.79
N ILE C 294 -10.59 48.20 18.66
CA ILE C 294 -10.87 47.19 19.69
C ILE C 294 -11.61 47.88 20.83
N TRP C 295 -11.87 47.15 21.91
CA TRP C 295 -12.11 47.83 23.19
C TRP C 295 -10.98 47.47 24.16
N LYS C 296 -10.24 48.51 24.59
CA LYS C 296 -9.01 48.33 25.35
C LYS C 296 -9.17 47.57 26.67
N THR C 297 -10.40 47.47 27.15
CA THR C 297 -10.72 46.66 28.33
C THR C 297 -10.67 45.17 27.99
N GLY C 298 -10.90 44.84 26.71
CA GLY C 298 -10.87 43.47 26.22
C GLY C 298 -9.73 42.61 26.74
N PRO C 299 -8.48 43.00 26.44
CA PRO C 299 -7.33 42.28 26.98
C PRO C 299 -7.47 42.04 28.48
N LEU C 300 -7.68 43.13 29.23
CA LEU C 300 -7.87 43.11 30.69
C LEU C 300 -8.89 42.05 31.13
N PHE C 301 -10.05 42.05 30.48
CA PHE C 301 -11.15 41.14 30.81
C PHE C 301 -10.75 39.68 30.70
N LYS C 302 -9.90 39.34 29.73
CA LYS C 302 -9.40 37.97 29.58
C LYS C 302 -8.52 37.58 30.76
N ARG C 303 -7.67 38.51 31.18
CA ARG C 303 -6.80 38.29 32.34
C ARG C 303 -7.63 38.13 33.61
N VAL C 304 -8.67 38.95 33.75
CA VAL C 304 -9.66 38.82 34.83
C VAL C 304 -10.29 37.43 34.82
N LEU C 305 -10.54 36.95 33.61
CA LEU C 305 -11.23 35.68 33.38
C LEU C 305 -10.34 34.48 33.72
N MET C 306 -9.05 34.59 33.41
CA MET C 306 -8.09 33.52 33.70
C MET C 306 -7.72 33.45 35.18
N SER C 307 -7.76 34.60 35.85
CA SER C 307 -7.48 34.67 37.28
C SER C 307 -8.69 34.28 38.12
N SER C 308 -9.83 34.08 37.46
CA SER C 308 -11.04 33.66 38.15
C SER C 308 -10.90 32.24 38.65
N LYS C 309 -11.49 31.98 39.82
CA LYS C 309 -11.51 30.64 40.39
C LYS C 309 -12.93 30.31 40.85
N TYR C 310 -13.75 29.81 39.93
CA TYR C 310 -15.12 29.45 40.22
C TYR C 310 -15.20 28.00 40.74
N ALA C 311 -15.29 27.85 42.06
CA ALA C 311 -15.36 26.53 42.69
C ALA C 311 -16.80 26.01 42.76
N ASP C 312 -16.93 24.71 43.07
CA ASP C 312 -18.22 24.01 43.23
C ASP C 312 -19.06 23.95 41.94
N GLY C 313 -18.41 23.60 40.84
CA GLY C 313 -19.02 23.76 39.51
C GLY C 313 -19.63 22.55 38.82
N VAL C 314 -19.73 21.41 39.51
CA VAL C 314 -20.09 20.11 38.88
C VAL C 314 -18.97 19.54 37.99
N THR C 315 -18.37 20.38 37.16
CA THR C 315 -17.16 20.01 36.42
C THR C 315 -15.94 20.24 37.32
N GLY C 316 -16.06 19.85 38.58
CA GLY C 316 -15.07 20.10 39.62
C GLY C 316 -15.01 21.57 40.02
N ARG C 317 -13.81 22.04 40.30
CA ARG C 317 -13.57 23.46 40.53
C ARG C 317 -12.87 23.99 39.29
N VAL C 318 -13.34 25.12 38.77
CA VAL C 318 -12.83 25.62 37.49
C VAL C 318 -11.79 26.74 37.64
N GLU C 319 -10.54 26.42 37.31
CA GLU C 319 -9.43 27.38 37.36
C GLU C 319 -8.70 27.39 36.03
N PHE C 320 -8.12 28.53 35.68
CA PHE C 320 -7.52 28.72 34.36
C PHE C 320 -6.02 28.93 34.43
N ASN C 321 -5.29 28.26 33.52
CA ASN C 321 -3.84 28.36 33.46
C ASN C 321 -3.38 29.54 32.59
N GLU C 322 -2.08 29.85 32.67
CA GLU C 322 -1.54 31.05 32.02
C GLU C 322 -1.45 30.94 30.50
N ASP C 323 -1.00 29.77 30.02
CA ASP C 323 -0.79 29.50 28.59
C ASP C 323 -2.15 29.42 27.89
N GLY C 324 -2.46 30.46 27.11
CA GLY C 324 -3.83 30.64 26.61
C GLY C 324 -4.74 30.48 27.82
N ASP C 325 -5.63 29.49 27.75
CA ASP C 325 -6.33 29.02 28.95
C ASP C 325 -6.74 27.56 28.88
N ARG C 326 -6.26 26.82 29.87
CA ARG C 326 -6.64 25.45 30.07
C ARG C 326 -7.26 25.29 31.45
N LYS C 327 -8.24 24.41 31.57
CA LYS C 327 -8.73 23.99 32.88
C LYS C 327 -7.69 23.04 33.49
N PHE C 328 -7.81 22.70 34.78
CA PHE C 328 -7.09 21.53 35.33
C PHE C 328 -7.99 20.55 36.10
N ALA C 329 -8.34 19.46 35.40
CA ALA C 329 -9.49 18.63 35.74
C ALA C 329 -9.22 17.13 35.74
N ASN C 330 -10.25 16.37 36.11
CA ASN C 330 -10.16 14.92 36.27
C ASN C 330 -10.30 14.16 34.94
N TYR C 331 -9.34 13.27 34.67
CA TYR C 331 -9.41 12.31 33.57
C TYR C 331 -9.70 10.94 34.16
N SER C 332 -10.42 10.11 33.40
CA SER C 332 -10.67 8.74 33.80
C SER C 332 -9.79 7.79 32.97
N ILE C 333 -9.02 6.94 33.65
CA ILE C 333 -8.15 5.96 32.98
C ILE C 333 -8.97 4.74 32.56
N MET C 334 -8.94 4.42 31.26
CA MET C 334 -9.76 3.35 30.70
C MET C 334 -8.94 2.20 30.15
N ASN C 335 -9.44 1.00 30.40
CA ASN C 335 -8.78 -0.22 29.98
C ASN C 335 -9.77 -1.06 29.15
N LEU C 336 -9.31 -1.57 28.01
CA LEU C 336 -10.18 -2.36 27.14
C LEU C 336 -10.13 -3.84 27.49
N GLN C 337 -11.26 -4.36 27.96
CA GLN C 337 -11.39 -5.77 28.32
C GLN C 337 -12.63 -6.36 27.63
N ASN C 338 -12.44 -7.45 26.91
CA ASN C 338 -13.52 -8.12 26.15
C ASN C 338 -14.40 -7.15 25.36
N ARG C 339 -13.75 -6.24 24.65
CA ARG C 339 -14.41 -5.20 23.83
C ARG C 339 -15.19 -4.13 24.61
N LYS C 340 -15.15 -4.18 25.94
CA LYS C 340 -15.76 -3.14 26.78
C LYS C 340 -14.69 -2.29 27.43
N LEU C 341 -14.89 -0.97 27.45
CA LEU C 341 -13.97 -0.07 28.13
C LEU C 341 -14.30 0.07 29.61
N VAL C 342 -13.47 -0.52 30.47
CA VAL C 342 -13.69 -0.38 31.92
C VAL C 342 -12.79 0.68 32.54
N GLN C 343 -13.25 1.26 33.65
CA GLN C 343 -12.44 2.18 34.41
C GLN C 343 -11.53 1.39 35.36
N VAL C 344 -10.22 1.63 35.26
CA VAL C 344 -9.24 0.95 36.10
C VAL C 344 -8.48 1.92 36.99
N GLY C 345 -8.49 3.19 36.60
CA GLY C 345 -7.87 4.26 37.36
C GLY C 345 -8.59 5.58 37.14
N ILE C 346 -8.34 6.51 38.04
CA ILE C 346 -8.89 7.86 37.93
C ILE C 346 -7.77 8.83 38.26
N TYR C 347 -7.68 9.88 37.46
CA TYR C 347 -6.64 10.89 37.61
C TYR C 347 -7.31 12.24 37.87
N ASN C 348 -6.87 12.92 38.92
CA ASN C 348 -7.21 14.32 39.15
C ASN C 348 -5.94 15.13 38.90
N GLY C 349 -6.07 16.31 38.29
CA GLY C 349 -4.96 17.07 37.69
C GLY C 349 -3.60 17.09 38.36
N THR C 350 -3.20 15.93 38.90
CA THR C 350 -2.00 15.81 39.75
C THR C 350 -1.47 14.36 39.81
N HIS C 351 -2.24 13.46 40.43
CA HIS C 351 -1.80 12.07 40.67
C HIS C 351 -2.75 11.03 40.06
N VAL C 352 -2.22 9.83 39.81
CA VAL C 352 -3.01 8.72 39.27
C VAL C 352 -3.37 7.76 40.40
N ILE C 353 -4.66 7.41 40.52
CA ILE C 353 -5.11 6.52 41.60
C ILE C 353 -5.92 5.30 41.09
N PRO C 354 -5.27 4.12 41.02
CA PRO C 354 -5.92 2.88 40.54
C PRO C 354 -7.04 2.39 41.46
N ASN C 355 -7.63 1.24 41.16
CA ASN C 355 -8.76 0.73 41.97
C ASN C 355 -8.84 -0.80 42.13
N ASP C 356 -10.00 -1.28 42.56
CA ASP C 356 -10.24 -2.70 42.85
C ASP C 356 -10.26 -3.59 41.60
N ARG C 357 -10.88 -3.10 40.53
CA ARG C 357 -10.96 -3.84 39.27
C ARG C 357 -9.56 -3.97 38.65
N LYS C 358 -9.11 -5.22 38.50
CA LYS C 358 -7.75 -5.52 38.06
C LYS C 358 -7.56 -5.24 36.57
N ILE C 359 -6.29 -5.09 36.18
CA ILE C 359 -5.91 -4.58 34.87
C ILE C 359 -5.40 -5.68 33.93
N ILE C 360 -5.99 -5.77 32.74
CA ILE C 360 -5.62 -6.78 31.74
C ILE C 360 -4.83 -6.16 30.59
N TRP C 361 -3.60 -6.64 30.41
CA TRP C 361 -2.66 -6.06 29.46
C TRP C 361 -2.76 -6.69 28.08
N PRO C 362 -2.22 -6.01 27.03
CA PRO C 362 -2.29 -6.58 25.70
C PRO C 362 -1.70 -7.98 25.68
N GLY C 363 -2.51 -8.94 25.24
CA GLY C 363 -2.10 -10.34 25.20
C GLY C 363 -2.86 -11.20 26.19
N GLY C 364 -3.89 -10.62 26.81
CA GLY C 364 -4.71 -11.31 27.82
C GLY C 364 -3.92 -11.72 29.06
N GLU C 365 -2.92 -10.92 29.38
CA GLU C 365 -1.97 -11.27 30.44
C GLU C 365 -2.34 -10.73 31.81
N THR C 366 -2.24 -11.62 32.79
CA THR C 366 -2.52 -11.30 34.19
C THR C 366 -1.40 -10.44 34.79
N GLU C 367 -0.16 -10.70 34.39
CA GLU C 367 1.01 -10.03 34.94
C GLU C 367 1.33 -8.73 34.19
N LYS C 368 1.72 -7.71 34.93
CA LYS C 368 2.15 -6.43 34.36
C LYS C 368 3.51 -6.57 33.66
N PRO C 369 3.61 -6.07 32.42
CA PRO C 369 4.89 -6.11 31.69
C PRO C 369 5.67 -4.80 31.73
N ARG C 370 6.85 -4.80 31.11
CA ARG C 370 7.62 -3.59 30.87
C ARG C 370 8.20 -3.62 29.44
N GLY C 371 8.75 -2.50 28.97
CA GLY C 371 9.35 -2.43 27.64
C GLY C 371 10.79 -2.88 27.61
N TYR C 372 11.00 -4.19 27.45
CA TYR C 372 12.34 -4.79 27.61
C TYR C 372 12.69 -5.95 26.68
N GLN C 373 13.66 -6.76 27.12
CA GLN C 373 14.14 -7.95 26.40
C GLN C 373 13.10 -9.10 26.41
N VAL C 374 12.88 -9.72 27.57
CA VAL C 374 11.84 -10.76 27.73
C VAL C 374 11.04 -10.50 29.02
C1 NAG D . 31.28 -7.32 -0.39
C2 NAG D . 31.73 -6.85 -1.78
C3 NAG D . 31.70 -5.33 -1.86
C4 NAG D . 30.34 -4.81 -1.41
C5 NAG D . 30.10 -5.28 0.02
C6 NAG D . 28.81 -4.75 0.62
C7 NAG D . 33.32 -8.25 -3.08
C8 NAG D . 34.75 -8.67 -3.26
N2 NAG D . 33.07 -7.37 -2.10
O3 NAG D . 31.98 -4.91 -3.17
O4 NAG D . 30.24 -3.41 -1.53
O5 NAG D . 30.07 -6.70 0.01
O6 NAG D . 28.68 -5.28 1.92
O7 NAG D . 32.46 -8.74 -3.83
C1 NAG E . -26.83 -11.13 -5.05
C2 NAG E . -27.67 -12.40 -5.02
C3 NAG E . -29.11 -12.01 -4.80
C4 NAG E . -29.24 -11.22 -3.49
C5 NAG E . -28.16 -10.16 -3.26
C6 NAG E . -27.97 -9.94 -1.77
C7 NAG E . -26.43 -14.01 -6.36
C8 NAG E . -26.33 -14.82 -7.64
N2 NAG E . -27.49 -13.20 -6.21
O3 NAG E . -29.90 -13.16 -4.71
O4 NAG E . -30.46 -10.53 -3.52
O5 NAG E . -26.91 -10.55 -3.76
O6 NAG E . -26.60 -9.77 -1.45
O7 NAG E . -25.52 -14.13 -5.46
C1 NAG F . -30.58 -18.43 13.48
C2 NAG F . -30.69 -19.96 13.31
C3 NAG F . -30.45 -20.69 14.63
C4 NAG F . -29.12 -20.22 15.22
C5 NAG F . -29.10 -18.70 15.43
C6 NAG F . -27.72 -18.17 15.85
C7 NAG F . -33.17 -19.91 13.10
C8 NAG F . -34.32 -20.43 12.28
N2 NAG F . -31.96 -20.33 12.70
O3 NAG F . -30.39 -22.08 14.38
O4 NAG F . -28.83 -20.94 16.42
O5 NAG F . -29.48 -17.97 14.26
O6 NAG F . -27.36 -17.03 15.10
O7 NAG F . -33.38 -19.13 14.05
C1 NAG G . 11.81 -13.10 16.25
C2 NAG G . 10.84 -12.20 17.02
C3 NAG G . 10.91 -12.24 18.57
C4 NAG G . 11.93 -13.22 19.18
C5 NAG G . 13.01 -13.57 18.16
C6 NAG G . 14.05 -14.56 18.68
C7 NAG G . 10.04 -9.89 16.67
C8 NAG G . 10.40 -8.55 16.09
N2 NAG G . 10.98 -10.83 16.55
O3 NAG G . 9.61 -12.49 19.08
O4 NAG G . 12.51 -12.63 20.32
O5 NAG G . 12.38 -14.13 17.03
O6 NAG G . 15.08 -14.59 17.71
O7 NAG G . 8.92 -10.06 17.21
C1 NAG H . 5.07 -33.76 17.72
C2 NAG H . 4.53 -35.18 17.43
C3 NAG H . 5.64 -36.23 17.58
C4 NAG H . 6.71 -35.94 16.54
C5 NAG H . 7.22 -34.49 16.58
C6 NAG H . 7.34 -33.94 15.16
C7 NAG H . 3.28 -36.02 19.44
C8 NAG H . 1.90 -36.25 20.01
N2 NAG H . 3.33 -35.49 18.22
O3 NAG H . 5.11 -37.54 17.42
O4 NAG H . 7.81 -36.82 16.70
O5 NAG H . 6.45 -33.58 17.41
O6 NAG H . 8.37 -32.97 15.11
O7 NAG H . 4.26 -36.35 20.10
CL CL I . 3.91 -27.73 6.36
CL CL J . 8.52 0.78 -5.65
CL CL K . -19.51 -16.56 -6.63
CL CL L . -32.06 -21.70 8.98
C1 NAG M . 0.92 -29.17 -34.48
C2 NAG M . 1.42 -30.08 -33.34
C3 NAG M . 0.24 -30.77 -32.67
C4 NAG M . -0.82 -29.74 -32.29
C5 NAG M . -1.21 -28.92 -33.52
C6 NAG M . -2.27 -27.86 -33.23
C7 NAG M . 3.39 -31.53 -33.07
C8 NAG M . 4.33 -32.48 -33.77
N2 NAG M . 2.42 -31.03 -33.83
O3 NAG M . 0.68 -31.45 -31.52
O4 NAG M . -1.94 -30.39 -31.72
O5 NAG M . -0.05 -28.26 -34.01
O6 NAG M . -2.35 -26.98 -34.36
O7 NAG M . 3.55 -31.27 -31.88
C1 NAG N . -1.75 20.53 -4.85
C2 NAG N . -0.62 21.53 -4.65
C3 NAG N . -1.06 22.51 -3.56
C4 NAG N . -2.39 23.17 -3.96
C5 NAG N . -3.43 22.11 -4.36
C6 NAG N . -4.72 22.69 -4.94
C7 NAG N . 1.34 20.22 -5.35
C8 NAG N . 2.62 19.58 -4.92
N2 NAG N . 0.64 20.85 -4.38
O3 NAG N . -0.06 23.50 -3.41
O4 NAG N . -2.90 23.95 -2.91
O5 NAG N . -2.85 21.29 -5.33
O6 NAG N . -4.96 22.15 -6.24
O7 NAG N . 1.00 20.14 -6.54
C1 NAG O . -3.61 34.03 -20.31
C2 NAG O . -4.29 35.36 -20.61
C3 NAG O . -4.38 35.60 -22.12
C4 NAG O . -3.05 35.29 -22.86
C5 NAG O . -2.19 34.18 -22.23
C6 NAG O . -0.73 34.36 -22.60
C7 NAG O . -5.80 35.90 -18.73
C8 NAG O . -7.24 35.95 -18.28
N2 NAG O . -5.61 35.47 -19.99
O3 NAG O . -4.74 36.94 -22.35
O4 NAG O . -3.31 34.96 -24.20
O5 NAG O . -2.28 34.16 -20.81
O6 NAG O . -0.21 33.12 -23.04
O7 NAG O . -4.90 36.23 -17.95
C1 NAG P . -6.12 -4.49 -39.88
C2 NAG P . -7.35 -3.56 -39.81
C3 NAG P . -7.41 -2.51 -40.93
C4 NAG P . -7.07 -3.08 -42.34
C5 NAG P . -6.14 -4.30 -42.30
C6 NAG P . -5.19 -4.30 -43.48
C7 NAG P . -8.91 -5.29 -38.91
C8 NAG P . -10.26 -5.92 -39.10
N2 NAG P . -8.60 -4.32 -39.78
O3 NAG P . -6.56 -1.41 -40.63
O4 NAG P . -8.27 -3.43 -43.02
O5 NAG P . -5.38 -4.32 -41.09
O6 NAG P . -4.28 -5.37 -43.31
O7 NAG P . -8.18 -5.68 -37.98
C1 NAG Q . 10.85 8.37 -45.19
C2 NAG Q . 11.69 9.53 -45.78
C3 NAG Q . 12.96 9.14 -46.56
C4 NAG Q . 13.46 7.69 -46.37
C5 NAG Q . 12.25 6.77 -46.22
C6 NAG Q . 12.59 5.28 -46.15
C7 NAG Q . 11.25 11.32 -47.49
C8 NAG Q . 10.15 12.07 -48.22
N2 NAG Q . 10.83 10.40 -46.60
O3 NAG Q . 14.00 10.03 -46.22
O4 NAG Q . 14.24 7.29 -47.48
O5 NAG Q . 11.65 7.22 -45.03
O6 NAG Q . 13.08 4.95 -44.85
O7 NAG Q . 12.46 11.56 -47.76
CL CL R . 3.50 15.71 -8.36
CL CL S . -0.89 33.83 -17.13
C1 NAG T . -30.92 41.00 25.33
C2 NAG T . -31.39 42.02 24.28
C3 NAG T . -32.76 41.62 23.70
C4 NAG T . -32.94 40.12 23.44
C5 NAG T . -32.40 39.28 24.60
C6 NAG T . -32.45 37.77 24.31
C7 NAG T . -30.49 44.13 25.27
C8 NAG T . -30.89 45.50 25.77
N2 NAG T . -31.49 43.37 24.83
O3 NAG T . -32.99 42.36 22.52
O4 NAG T . -34.32 39.83 23.24
O5 NAG T . -31.05 39.68 24.82
O6 NAG T . -32.96 37.09 25.44
O7 NAG T . -29.29 43.77 25.30
C1 NAG U . 2.52 0.28 2.55
C2 NAG U . 2.25 -0.86 1.58
C3 NAG U . 3.47 -1.78 1.47
C4 NAG U . 4.78 -1.00 1.30
C5 NAG U . 4.87 0.18 2.27
C6 NAG U . 6.09 1.06 2.00
C7 NAG U . 0.44 -1.83 3.08
C8 NAG U . -0.81 -2.67 3.08
N2 NAG U . 1.03 -1.64 1.88
O3 NAG U . 3.28 -2.62 0.36
O4 NAG U . 5.86 -1.86 1.50
O5 NAG U . 3.70 0.97 2.18
O6 NAG U . 5.86 2.37 2.51
O7 NAG U . 0.84 -1.36 4.14
C1 NAG V . 3.52 -13.41 18.17
C2 NAG V . 4.22 -14.74 17.91
C3 NAG V . 4.31 -15.57 19.20
C4 NAG V . 4.70 -14.72 20.44
C5 NAG V . 4.03 -13.33 20.44
C6 NAG V . 4.57 -12.36 21.48
C7 NAG V . 4.05 -15.60 15.63
C8 NAG V . 3.21 -16.38 14.67
N2 NAG V . 3.55 -15.48 16.86
O3 NAG V . 5.24 -16.61 19.01
O4 NAG V . 4.37 -15.42 21.62
O5 NAG V . 4.23 -12.75 19.18
O6 NAG V . 4.02 -11.06 21.23
O7 NAG V . 5.13 -15.15 15.24
C1 NAG W . -24.35 16.07 32.93
C2 NAG W . -25.66 15.27 33.07
C3 NAG W . -26.60 15.94 34.06
C4 NAG W . -25.92 16.12 35.42
C5 NAG W . -24.61 16.91 35.26
C6 NAG W . -23.81 16.72 36.55
C7 NAG W . -26.09 15.10 30.54
C8 NAG W . -27.19 14.74 29.57
N2 NAG W . -26.43 15.01 31.85
O3 NAG W . -27.76 15.17 34.24
O4 NAG W . -26.77 16.75 36.35
O5 NAG W . -23.81 16.45 34.19
O6 NAG W . -23.06 15.48 36.54
O7 NAG W . -24.99 15.46 30.12
C1 NAG X . -5.69 14.70 43.80
C2 NAG X . -5.57 15.65 45.00
C3 NAG X . -4.20 15.47 45.65
C4 NAG X . -3.96 14.00 45.98
C5 NAG X . -4.25 13.10 44.76
C6 NAG X . -4.13 11.61 45.11
C7 NAG X . -6.97 17.65 44.94
C8 NAG X . -7.11 19.08 44.48
N2 NAG X . -5.83 17.03 44.61
O3 NAG X . -4.15 16.23 46.84
O4 NAG X . -2.62 13.82 46.39
O5 NAG X . -5.54 13.36 44.24
O6 NAG X . -2.75 11.26 44.99
O7 NAG X . -7.90 17.13 45.58
CL CL Y . -4.14 31.15 23.13
CL CL Z . 3.84 8.01 6.55
#